data_6IRW
#
_entry.id   6IRW
#
_cell.length_a   70.215
_cell.length_b   120.379
_cell.length_c   156.946
_cell.angle_alpha   90.000
_cell.angle_beta   90.000
_cell.angle_gamma   90.000
#
_symmetry.space_group_name_H-M   'P 21 21 21'
#
loop_
_entity.id
_entity.type
_entity.pdbx_description
1 polymer 'Phosphorylated CTD-interacting factor 1'
2 non-polymer S-ADENOSYL-L-HOMOCYSTEINE
3 water water
#
_entity_poly.entity_id   1
_entity_poly.type   'polypeptide(L)'
_entity_poly.pdbx_seq_one_letter_code
;ENLYFQGSHVYWDLDIQTNAVIKHRGPSEVLPPHPEVELLRSQLILKLRQHYRELCQQREGIEPPRESFNRWMLERKVVD
KGSDPLLPSNCEPVVSPSMFREIMNDIPIRLSRIKFREEAKRLLFKYAEAARRLIESRSASPDSRKVVKWNVEDTFSWLR
KDHSASKEDYMDRLEHLRRQCGPHVSAAAKDSVEGICSKIYHISLEYVKRIREKHLAILKENNISEEVEAPEVEPRLVYC
YPVRLAVSAPPMPSVEMHMENNVVCIRYKGEMVKVSRNYFSKLWLLYRYSCIDDSAFERFLPRVWCLLRRYQMMFGVGLY
EGTGLQGSLPVHVFEALHRLFGVSFECFASPLNCYFRQYCSAFPDTDGYFGSRGPCLDFAPLSGSFEANPPFCEELMDAM
VSHFERLLESSPEPLSFIVFIPEWREPPTPALTRMEQSRFKRHQLILPAFEHEYRSGSQHICKKEEMHYKAVHNTAVLFL
QNDPGFAKWAPTPERLQELSAAYRQSGR
;
_entity_poly.pdbx_strand_id   A,B
#
# COMPACT_ATOMS: atom_id res chain seq x y z
N GLU A 1 -13.68 -4.45 -43.02
CA GLU A 1 -12.99 -3.61 -42.04
C GLU A 1 -13.98 -2.79 -41.22
N ASN A 2 -15.01 -3.44 -40.70
CA ASN A 2 -16.03 -2.79 -39.86
C ASN A 2 -16.31 -3.71 -38.69
N LEU A 3 -15.77 -3.36 -37.51
CA LEU A 3 -16.03 -4.13 -36.31
C LEU A 3 -17.46 -3.89 -35.83
N TYR A 4 -17.98 -4.87 -35.06
CA TYR A 4 -19.27 -4.69 -34.40
C TYR A 4 -19.22 -3.47 -33.49
N PHE A 5 -18.20 -3.36 -32.66
CA PHE A 5 -17.96 -2.18 -31.86
C PHE A 5 -16.47 -2.07 -31.57
N GLN A 6 -16.09 -0.97 -30.93
CA GLN A 6 -14.69 -0.78 -30.55
C GLN A 6 -14.30 -1.81 -29.50
N GLY A 7 -13.27 -2.61 -29.79
CA GLY A 7 -12.87 -3.65 -28.88
C GLY A 7 -13.65 -4.94 -29.00
N SER A 8 -14.28 -5.19 -30.14
CA SER A 8 -15.07 -6.40 -30.35
C SER A 8 -14.20 -7.55 -30.86
N HIS A 9 -13.10 -7.81 -30.16
CA HIS A 9 -12.24 -8.93 -30.46
C HIS A 9 -12.58 -10.12 -29.56
N VAL A 10 -12.39 -11.32 -30.10
CA VAL A 10 -12.65 -12.55 -29.38
C VAL A 10 -11.32 -13.15 -28.94
N TYR A 11 -11.22 -13.50 -27.67
CA TYR A 11 -10.01 -14.07 -27.10
C TYR A 11 -10.31 -15.44 -26.47
N TRP A 12 -11.11 -16.24 -27.16
CA TRP A 12 -11.59 -17.51 -26.63
C TRP A 12 -12.20 -18.31 -27.78
N ASP A 13 -12.28 -19.62 -27.59
CA ASP A 13 -12.89 -20.54 -28.55
C ASP A 13 -13.79 -21.49 -27.75
N LEU A 14 -14.99 -21.02 -27.41
CA LEU A 14 -15.91 -21.77 -26.58
C LEU A 14 -16.61 -22.90 -27.33
N ASP A 15 -16.20 -23.20 -28.56
CA ASP A 15 -16.74 -24.34 -29.29
C ASP A 15 -15.90 -25.59 -29.13
N ILE A 16 -14.67 -25.47 -28.63
CA ILE A 16 -13.82 -26.64 -28.41
C ILE A 16 -14.44 -27.48 -27.30
N GLN A 17 -14.78 -28.72 -27.62
CA GLN A 17 -15.29 -29.64 -26.62
C GLN A 17 -14.13 -30.28 -25.85
N THR A 18 -14.42 -30.69 -24.63
CA THR A 18 -13.39 -31.20 -23.74
C THR A 18 -13.01 -32.63 -24.10
N ASN A 19 -11.74 -32.96 -23.85
CA ASN A 19 -11.28 -34.35 -23.86
C ASN A 19 -10.79 -34.78 -22.47
N ALA A 20 -11.08 -34.00 -21.45
CA ALA A 20 -10.73 -34.36 -20.08
C ALA A 20 -11.74 -35.37 -19.54
N VAL A 21 -11.24 -36.43 -18.91
CA VAL A 21 -12.06 -37.51 -18.39
C VAL A 21 -11.78 -37.64 -16.89
N ILE A 22 -12.84 -37.75 -16.10
CA ILE A 22 -12.74 -37.93 -14.65
C ILE A 22 -13.73 -39.00 -14.22
N LYS A 23 -13.49 -39.55 -13.02
CA LYS A 23 -14.53 -40.28 -12.33
C LYS A 23 -15.64 -39.31 -11.94
N HIS A 24 -16.89 -39.74 -12.10
CA HIS A 24 -18.00 -38.88 -11.72
C HIS A 24 -17.95 -38.58 -10.24
N ARG A 25 -17.87 -37.30 -9.90
CA ARG A 25 -17.71 -36.85 -8.53
C ARG A 25 -18.97 -36.16 -8.04
N GLY A 26 -19.20 -36.24 -6.74
CA GLY A 26 -20.33 -35.61 -6.12
C GLY A 26 -20.20 -34.10 -6.11
N PRO A 27 -21.27 -33.41 -5.73
CA PRO A 27 -21.25 -31.94 -5.75
C PRO A 27 -20.32 -31.39 -4.69
N SER A 28 -19.82 -30.18 -4.95
CA SER A 28 -18.99 -29.48 -3.98
C SER A 28 -19.84 -29.01 -2.80
N GLU A 29 -19.23 -29.00 -1.61
CA GLU A 29 -19.92 -28.59 -0.41
C GLU A 29 -20.06 -27.07 -0.27
N VAL A 30 -19.42 -26.31 -1.16
CA VAL A 30 -19.49 -24.86 -1.08
C VAL A 30 -20.89 -24.38 -1.42
N LEU A 31 -21.35 -23.35 -0.71
CA LEU A 31 -22.69 -22.81 -0.89
C LEU A 31 -22.77 -21.93 -2.14
N PRO A 32 -23.93 -21.87 -2.79
CA PRO A 32 -24.05 -21.00 -3.97
C PRO A 32 -23.89 -19.55 -3.58
N PRO A 33 -23.31 -18.74 -4.46
CA PRO A 33 -23.05 -17.33 -4.11
C PRO A 33 -24.34 -16.53 -3.97
N HIS A 34 -24.24 -15.45 -3.21
CA HIS A 34 -25.35 -14.56 -2.92
C HIS A 34 -24.77 -13.16 -2.81
N PRO A 35 -25.40 -12.15 -3.43
CA PRO A 35 -24.82 -10.80 -3.38
C PRO A 35 -24.68 -10.24 -1.98
N GLU A 36 -25.58 -10.60 -1.06
CA GLU A 36 -25.47 -10.11 0.31
C GLU A 36 -24.29 -10.74 1.03
N VAL A 37 -23.93 -11.98 0.69
CA VAL A 37 -22.80 -12.63 1.33
C VAL A 37 -21.49 -12.13 0.75
N GLU A 38 -21.42 -11.95 -0.56
CA GLU A 38 -20.20 -11.43 -1.18
C GLU A 38 -19.93 -10.00 -0.74
N LEU A 39 -20.98 -9.22 -0.49
CA LEU A 39 -20.80 -7.85 -0.02
C LEU A 39 -20.15 -7.85 1.36
N LEU A 40 -20.58 -8.75 2.24
CA LEU A 40 -19.89 -8.92 3.52
C LEU A 40 -18.49 -9.51 3.34
N ARG A 41 -18.33 -10.41 2.36
CA ARG A 41 -17.03 -11.01 2.13
C ARG A 41 -16.02 -9.99 1.61
N SER A 42 -16.47 -9.04 0.79
CA SER A 42 -15.58 -8.03 0.24
C SER A 42 -15.11 -7.06 1.33
N GLN A 43 -16.04 -6.64 2.20
CA GLN A 43 -15.66 -5.66 3.22
C GLN A 43 -14.85 -6.30 4.35
N LEU A 44 -14.93 -7.62 4.52
CA LEU A 44 -14.07 -8.28 5.50
C LEU A 44 -12.66 -8.46 4.98
N ILE A 45 -12.49 -8.63 3.66
CA ILE A 45 -11.14 -8.69 3.10
C ILE A 45 -10.46 -7.34 3.21
N LEU A 46 -11.18 -6.26 2.89
CA LEU A 46 -10.61 -4.92 3.02
C LEU A 46 -10.14 -4.65 4.45
N LYS A 47 -10.91 -5.12 5.44
CA LYS A 47 -10.44 -5.05 6.81
C LYS A 47 -9.21 -5.93 7.03
N LEU A 48 -9.23 -7.14 6.44
CA LEU A 48 -8.11 -8.06 6.63
C LEU A 48 -6.83 -7.50 6.01
N ARG A 49 -6.94 -6.85 4.85
CA ARG A 49 -5.79 -6.18 4.26
C ARG A 49 -5.31 -5.03 5.14
N GLN A 50 -6.23 -4.34 5.81
CA GLN A 50 -5.84 -3.25 6.71
C GLN A 50 -5.17 -3.80 7.97
N HIS A 51 -5.69 -4.91 8.50
CA HIS A 51 -5.02 -5.55 9.63
C HIS A 51 -3.60 -5.97 9.26
N TYR A 52 -3.41 -6.40 8.02
CA TYR A 52 -2.09 -6.86 7.60
C TYR A 52 -1.10 -5.72 7.50
N ARG A 53 -1.53 -4.56 7.01
CA ARG A 53 -0.64 -3.41 6.91
C ARG A 53 -0.47 -2.68 8.24
N GLU A 54 -1.36 -2.91 9.20
CA GLU A 54 -1.16 -2.37 10.53
C GLU A 54 -0.19 -3.23 11.34
N LEU A 55 -0.27 -4.56 11.18
CA LEU A 55 0.64 -5.44 11.91
C LEU A 55 2.08 -5.29 11.41
N CYS A 56 2.27 -5.09 10.11
CA CYS A 56 3.61 -4.92 9.57
C CYS A 56 4.21 -3.58 9.99
N GLN A 57 3.39 -2.55 10.15
CA GLN A 57 3.91 -1.25 10.57
C GLN A 57 4.09 -1.17 12.08
N GLN A 58 3.12 -1.68 12.85
CA GLN A 58 3.20 -1.58 14.30
C GLN A 58 4.26 -2.51 14.90
N ARG A 59 4.60 -3.60 14.22
CA ARG A 59 5.54 -4.57 14.75
C ARG A 59 6.87 -4.62 14.03
N GLU A 60 6.97 -4.01 12.84
CA GLU A 60 8.24 -3.97 12.12
C GLU A 60 8.56 -2.62 11.49
N GLY A 61 7.66 -1.65 11.53
CA GLY A 61 7.93 -0.36 10.89
C GLY A 61 8.05 -0.43 9.39
N ILE A 62 7.54 -1.48 8.76
CA ILE A 62 7.63 -1.67 7.32
C ILE A 62 6.23 -1.83 6.75
N GLU A 63 6.09 -1.44 5.49
CA GLU A 63 4.85 -1.77 4.79
C GLU A 63 4.91 -3.20 4.29
N PRO A 64 3.76 -3.85 4.13
CA PRO A 64 3.76 -5.23 3.61
C PRO A 64 4.36 -5.27 2.22
N PRO A 65 5.13 -6.32 1.92
CA PRO A 65 5.65 -6.49 0.56
C PRO A 65 4.52 -6.54 -0.45
N ARG A 66 4.78 -6.01 -1.64
CA ARG A 66 3.75 -5.95 -2.68
C ARG A 66 3.31 -7.36 -3.05
N GLU A 67 2.00 -7.57 -3.06
CA GLU A 67 1.33 -8.83 -3.42
C GLU A 67 1.64 -9.96 -2.45
N SER A 68 2.27 -9.67 -1.31
CA SER A 68 2.52 -10.73 -0.33
C SER A 68 1.22 -11.26 0.26
N PHE A 69 0.23 -10.39 0.43
CA PHE A 69 -1.07 -10.82 0.96
C PHE A 69 -1.81 -11.68 -0.07
N ASN A 70 -1.85 -11.24 -1.32
CA ASN A 70 -2.49 -12.03 -2.37
C ASN A 70 -1.81 -13.38 -2.51
N ARG A 71 -0.48 -13.38 -2.51
CA ARG A 71 0.28 -14.64 -2.55
C ARG A 71 -0.01 -15.50 -1.34
N TRP A 72 -0.28 -14.88 -0.20
CA TRP A 72 -0.60 -15.62 1.02
C TRP A 72 -1.89 -16.43 0.86
N MET A 73 -2.89 -15.85 0.19
CA MET A 73 -4.16 -16.54 0.02
C MET A 73 -4.02 -17.73 -0.93
N LEU A 74 -3.16 -17.60 -1.94
CA LEU A 74 -2.88 -18.73 -2.82
C LEU A 74 -2.20 -19.87 -2.06
N GLU A 75 -1.21 -19.53 -1.22
CA GLU A 75 -0.52 -20.56 -0.45
C GLU A 75 -1.44 -21.22 0.55
N ARG A 76 -2.25 -20.43 1.26
CA ARG A 76 -3.16 -21.00 2.26
C ARG A 76 -4.13 -21.99 1.62
N LYS A 77 -4.61 -21.68 0.42
CA LYS A 77 -5.59 -22.55 -0.24
C LYS A 77 -4.99 -23.87 -0.72
N VAL A 78 -3.66 -23.98 -0.78
CA VAL A 78 -3.06 -25.26 -1.12
C VAL A 78 -3.34 -26.29 -0.05
N VAL A 79 -3.34 -25.87 1.21
CA VAL A 79 -3.49 -26.77 2.35
C VAL A 79 -4.80 -26.57 3.10
N ASP A 80 -5.59 -25.55 2.76
CA ASP A 80 -6.77 -25.23 3.54
C ASP A 80 -7.82 -26.33 3.41
N LYS A 81 -8.26 -26.85 4.56
CA LYS A 81 -9.38 -27.76 4.64
C LYS A 81 -10.69 -27.05 5.00
N GLY A 82 -10.66 -25.72 5.14
CA GLY A 82 -11.85 -24.98 5.50
C GLY A 82 -12.85 -24.88 4.36
N SER A 83 -14.01 -24.32 4.67
CA SER A 83 -15.13 -24.32 3.76
C SER A 83 -15.36 -22.99 3.06
N ASP A 84 -14.60 -21.95 3.38
CA ASP A 84 -14.78 -20.69 2.67
C ASP A 84 -13.97 -20.70 1.37
N PRO A 85 -14.55 -20.30 0.25
CA PRO A 85 -13.82 -20.42 -1.02
C PRO A 85 -12.72 -19.40 -1.20
N LEU A 86 -12.73 -18.31 -0.45
CA LEU A 86 -11.74 -17.24 -0.60
C LEU A 86 -10.78 -17.15 0.58
N LEU A 87 -11.28 -17.03 1.80
CA LEU A 87 -10.45 -16.87 2.99
C LEU A 87 -10.06 -18.22 3.57
N PRO A 88 -8.83 -18.35 4.09
CA PRO A 88 -8.42 -19.60 4.74
C PRO A 88 -9.13 -19.79 6.07
N SER A 89 -9.40 -21.06 6.39
CA SER A 89 -10.20 -21.38 7.55
C SER A 89 -9.66 -22.52 8.40
N ASN A 90 -8.90 -23.46 7.82
CA ASN A 90 -8.39 -24.60 8.56
C ASN A 90 -7.07 -25.07 7.94
N CYS A 91 -5.95 -24.45 8.30
CA CYS A 91 -4.69 -24.74 7.65
C CYS A 91 -3.67 -25.32 8.62
N GLU A 92 -2.73 -26.09 8.08
CA GLU A 92 -1.61 -26.63 8.84
C GLU A 92 -0.35 -26.54 7.99
N PRO A 93 0.70 -25.82 8.43
CA PRO A 93 0.80 -25.13 9.72
C PRO A 93 0.02 -23.81 9.75
N VAL A 94 -0.14 -23.25 10.96
CA VAL A 94 -0.81 -21.96 11.11
C VAL A 94 0.02 -20.86 10.46
N VAL A 95 1.30 -20.79 10.81
CA VAL A 95 2.19 -19.78 10.22
C VAL A 95 2.42 -20.13 8.75
N SER A 96 2.13 -19.17 7.88
CA SER A 96 2.29 -19.38 6.45
C SER A 96 3.75 -19.24 6.05
N PRO A 97 4.37 -20.26 5.45
CA PRO A 97 5.76 -20.10 5.01
C PRO A 97 5.92 -19.04 3.94
N SER A 98 4.88 -18.78 3.14
CA SER A 98 4.98 -17.76 2.10
C SER A 98 5.03 -16.36 2.69
N MET A 99 4.07 -16.04 3.57
CA MET A 99 4.05 -14.71 4.18
C MET A 99 5.25 -14.50 5.09
N PHE A 100 5.76 -15.56 5.72
CA PHE A 100 6.87 -15.41 6.66
C PHE A 100 8.14 -14.94 5.95
N ARG A 101 8.51 -15.59 4.85
CA ARG A 101 9.77 -15.25 4.19
C ARG A 101 9.69 -13.91 3.47
N GLU A 102 8.52 -13.56 2.93
CA GLU A 102 8.39 -12.27 2.28
C GLU A 102 8.53 -11.11 3.28
N ILE A 103 8.05 -11.30 4.50
CA ILE A 103 8.24 -10.28 5.53
C ILE A 103 9.70 -10.24 5.96
N MET A 104 10.34 -11.41 6.10
CA MET A 104 11.73 -11.45 6.55
C MET A 104 12.67 -10.76 5.58
N ASN A 105 12.37 -10.86 4.28
CA ASN A 105 13.23 -10.24 3.27
C ASN A 105 13.30 -8.72 3.44
N ASP A 106 12.30 -8.12 4.07
CA ASP A 106 12.28 -6.68 4.34
C ASP A 106 12.56 -6.36 5.81
N ILE A 107 13.39 -7.17 6.45
CA ILE A 107 13.74 -6.99 7.86
C ILE A 107 15.25 -7.04 7.99
N PRO A 108 15.88 -6.12 8.74
CA PRO A 108 15.25 -5.05 9.51
C PRO A 108 14.78 -3.87 8.67
N ILE A 109 15.15 -3.87 7.40
CA ILE A 109 14.85 -2.77 6.49
C ILE A 109 14.57 -3.34 5.11
N ARG A 110 13.61 -2.74 4.41
CA ARG A 110 13.37 -3.08 3.02
C ARG A 110 14.43 -2.39 2.15
N LEU A 111 15.28 -3.17 1.50
CA LEU A 111 16.31 -2.60 0.64
C LEU A 111 15.69 -2.06 -0.64
N SER A 112 16.15 -0.87 -1.05
CA SER A 112 15.75 -0.26 -2.31
C SER A 112 16.95 -0.15 -3.23
N ARG A 113 16.69 -0.17 -4.53
CA ARG A 113 17.72 0.02 -5.53
C ARG A 113 18.27 1.43 -5.45
N ILE A 114 19.60 1.55 -5.47
CA ILE A 114 20.29 2.82 -5.25
C ILE A 114 20.79 3.34 -6.57
N LYS A 115 20.58 4.64 -6.79
CA LYS A 115 20.88 5.30 -8.05
C LYS A 115 22.03 6.29 -7.95
N PHE A 116 22.66 6.42 -6.78
CA PHE A 116 23.79 7.35 -6.64
C PHE A 116 24.72 6.84 -5.54
N ARG A 117 25.92 7.43 -5.48
CA ARG A 117 26.90 6.97 -4.51
C ARG A 117 26.45 7.25 -3.08
N GLU A 118 25.90 8.43 -2.83
CA GLU A 118 25.41 8.74 -1.49
C GLU A 118 24.21 7.89 -1.11
N GLU A 119 23.39 7.50 -2.09
CA GLU A 119 22.27 6.61 -1.79
C GLU A 119 22.75 5.28 -1.22
N ALA A 120 23.81 4.72 -1.80
CA ALA A 120 24.37 3.47 -1.28
C ALA A 120 24.90 3.66 0.14
N LYS A 121 25.55 4.79 0.40
CA LYS A 121 26.03 5.08 1.75
C LYS A 121 24.88 5.17 2.73
N ARG A 122 23.75 5.72 2.31
CA ARG A 122 22.57 5.80 3.16
C ARG A 122 22.02 4.41 3.47
N LEU A 123 21.84 3.59 2.43
CA LEU A 123 21.27 2.27 2.62
C LEU A 123 22.16 1.40 3.49
N LEU A 124 23.48 1.47 3.29
CA LEU A 124 24.39 0.74 4.15
C LEU A 124 24.30 1.22 5.59
N PHE A 125 24.24 2.54 5.79
CA PHE A 125 24.13 3.08 7.14
C PHE A 125 22.79 2.72 7.78
N LYS A 126 21.69 2.93 7.05
CA LYS A 126 20.38 2.63 7.59
C LYS A 126 20.24 1.17 7.97
N TYR A 127 20.80 0.27 7.16
CA TYR A 127 20.75 -1.15 7.48
C TYR A 127 21.54 -1.44 8.76
N ALA A 128 22.76 -0.90 8.83
CA ALA A 128 23.59 -1.14 10.02
C ALA A 128 22.91 -0.62 11.28
N GLU A 129 22.26 0.54 11.18
CA GLU A 129 21.56 1.09 12.34
C GLU A 129 20.36 0.25 12.72
N ALA A 130 19.62 -0.24 11.72
CA ALA A 130 18.42 -1.03 12.00
C ALA A 130 18.79 -2.42 12.53
N ALA A 131 19.86 -3.01 12.01
CA ALA A 131 20.26 -4.34 12.45
C ALA A 131 20.71 -4.32 13.91
N ARG A 132 21.57 -3.37 14.26
CA ARG A 132 22.02 -3.26 15.64
C ARG A 132 20.85 -3.00 16.58
N ARG A 133 19.93 -2.11 16.19
CA ARG A 133 18.80 -1.77 17.04
C ARG A 133 17.90 -2.97 17.28
N LEU A 134 17.68 -3.79 16.24
CA LEU A 134 16.75 -4.91 16.37
C LEU A 134 17.28 -5.97 17.33
N ILE A 135 18.59 -6.12 17.43
CA ILE A 135 19.15 -7.13 18.33
C ILE A 135 19.06 -6.68 19.79
N GLU A 136 19.31 -5.39 20.06
CA GLU A 136 19.24 -4.90 21.43
C GLU A 136 17.82 -4.96 21.95
N SER A 137 16.84 -4.69 21.10
CA SER A 137 15.44 -4.64 21.53
C SER A 137 14.86 -6.03 21.76
N ARG A 138 15.04 -6.93 20.79
CA ARG A 138 14.46 -8.27 20.88
C ARG A 138 15.40 -9.21 21.62
N SER A 139 14.82 -10.10 22.41
CA SER A 139 15.59 -11.07 23.17
C SER A 139 16.41 -11.95 22.24
N ALA A 140 17.69 -12.10 22.57
CA ALA A 140 18.59 -12.93 21.79
C ALA A 140 19.72 -13.40 22.69
N SER A 141 20.41 -14.44 22.25
CA SER A 141 21.54 -14.94 23.01
C SER A 141 22.64 -13.87 23.06
N PRO A 142 23.34 -13.74 24.20
CA PRO A 142 24.44 -12.76 24.26
C PRO A 142 25.49 -12.97 23.19
N ASP A 143 25.67 -14.21 22.73
CA ASP A 143 26.57 -14.47 21.61
C ASP A 143 26.07 -13.79 20.34
N SER A 144 24.80 -14.05 19.97
CA SER A 144 24.23 -13.45 18.78
C SER A 144 24.21 -11.92 18.87
N ARG A 145 24.05 -11.38 20.08
CA ARG A 145 24.10 -9.94 20.24
C ARG A 145 25.49 -9.40 19.93
N LYS A 146 26.53 -10.09 20.42
CA LYS A 146 27.89 -9.59 20.26
C LYS A 146 28.33 -9.63 18.80
N VAL A 147 27.90 -10.65 18.05
CA VAL A 147 28.28 -10.74 16.64
C VAL A 147 27.71 -9.58 15.86
N VAL A 148 26.43 -9.27 16.08
CA VAL A 148 25.80 -8.14 15.39
C VAL A 148 26.42 -6.83 15.85
N LYS A 149 26.62 -6.68 17.17
CA LYS A 149 27.15 -5.44 17.71
C LYS A 149 28.49 -5.08 17.07
N TRP A 150 29.44 -6.00 17.10
CA TRP A 150 30.77 -5.69 16.59
C TRP A 150 30.76 -5.56 15.07
N ASN A 151 30.08 -6.47 14.36
CA ASN A 151 30.10 -6.45 12.91
C ASN A 151 29.46 -5.18 12.37
N VAL A 152 28.40 -4.70 13.03
CA VAL A 152 27.82 -3.41 12.66
C VAL A 152 28.80 -2.29 12.99
N GLU A 153 29.42 -2.35 14.17
CA GLU A 153 30.35 -1.30 14.58
C GLU A 153 31.52 -1.20 13.61
N ASP A 154 31.98 -2.33 13.08
CA ASP A 154 33.06 -2.31 12.10
C ASP A 154 32.67 -1.52 10.86
N THR A 155 31.40 -1.65 10.43
CA THR A 155 30.94 -0.91 9.28
C THR A 155 30.94 0.59 9.55
N PHE A 156 30.62 0.99 10.78
CA PHE A 156 30.62 2.41 11.12
C PHE A 156 32.05 2.97 11.13
N SER A 157 33.00 2.22 11.68
CA SER A 157 34.39 2.67 11.69
C SER A 157 34.92 2.83 10.26
N TRP A 158 34.48 1.97 9.34
CA TRP A 158 34.93 2.08 7.96
C TRP A 158 34.27 3.25 7.25
N LEU A 159 33.03 3.59 7.63
CA LEU A 159 32.35 4.72 6.99
C LEU A 159 32.96 6.05 7.38
N ARG A 160 33.47 6.17 8.61
CA ARG A 160 34.10 7.41 9.03
C ARG A 160 35.45 7.60 8.35
N LYS A 161 36.30 6.58 8.39
CA LYS A 161 37.65 6.67 7.83
C LYS A 161 37.61 6.75 6.31
N ASP A 162 37.27 5.64 5.66
CA ASP A 162 37.30 5.56 4.21
C ASP A 162 36.23 6.46 3.59
N HIS A 163 36.58 7.72 3.33
CA HIS A 163 35.70 8.63 2.62
C HIS A 163 35.90 8.58 1.11
N SER A 164 36.90 7.85 0.63
CA SER A 164 37.20 7.73 -0.79
C SER A 164 36.48 6.56 -1.45
N ALA A 165 35.51 5.96 -0.78
CA ALA A 165 34.79 4.83 -1.35
C ALA A 165 33.88 5.30 -2.49
N SER A 166 33.53 4.35 -3.36
CA SER A 166 32.69 4.61 -4.53
C SER A 166 31.33 3.96 -4.34
N LYS A 167 30.48 4.10 -5.37
CA LYS A 167 29.17 3.46 -5.33
C LYS A 167 29.29 1.95 -5.26
N GLU A 168 30.32 1.37 -5.89
CA GLU A 168 30.52 -0.07 -5.83
C GLU A 168 31.04 -0.51 -4.47
N ASP A 169 31.86 0.32 -3.82
CA ASP A 169 32.42 -0.06 -2.53
C ASP A 169 31.35 -0.15 -1.45
N TYR A 170 30.41 0.81 -1.44
CA TYR A 170 29.33 0.77 -0.46
C TYR A 170 28.41 -0.42 -0.69
N MET A 171 28.22 -0.84 -1.94
CA MET A 171 27.34 -1.96 -2.23
C MET A 171 27.93 -3.27 -1.74
N ASP A 172 29.22 -3.50 -1.99
CA ASP A 172 29.85 -4.73 -1.55
C ASP A 172 29.92 -4.80 -0.03
N ARG A 173 30.09 -3.66 0.64
CA ARG A 173 30.10 -3.66 2.10
C ARG A 173 28.73 -3.99 2.67
N LEU A 174 27.66 -3.62 1.96
CA LEU A 174 26.32 -3.92 2.44
C LEU A 174 26.02 -5.41 2.31
N GLU A 175 26.37 -6.02 1.17
CA GLU A 175 26.12 -7.44 0.97
C GLU A 175 26.87 -8.27 2.02
N HIS A 176 28.12 -7.94 2.29
CA HIS A 176 28.87 -8.63 3.35
C HIS A 176 28.18 -8.46 4.69
N LEU A 177 27.90 -7.21 5.09
CA LEU A 177 27.21 -6.96 6.34
C LEU A 177 25.84 -7.62 6.39
N ARG A 178 25.16 -7.69 5.24
CA ARG A 178 23.87 -8.38 5.17
C ARG A 178 24.06 -9.88 5.33
N ARG A 179 25.18 -10.42 4.84
CA ARG A 179 25.45 -11.84 5.02
C ARG A 179 25.73 -12.17 6.49
N GLN A 180 26.53 -11.34 7.15
CA GLN A 180 26.94 -11.62 8.53
C GLN A 180 25.75 -11.51 9.49
N CYS A 181 25.01 -10.40 9.41
CA CYS A 181 23.95 -10.14 10.37
C CYS A 181 22.64 -10.86 10.03
N GLY A 182 22.46 -11.27 8.78
CA GLY A 182 21.25 -11.89 8.32
C GLY A 182 20.71 -12.99 9.21
N PRO A 183 21.48 -14.07 9.39
CA PRO A 183 20.99 -15.20 10.20
C PRO A 183 20.70 -14.84 11.65
N HIS A 184 21.45 -13.92 12.24
CA HIS A 184 21.21 -13.56 13.64
C HIS A 184 19.95 -12.72 13.79
N VAL A 185 19.71 -11.79 12.85
CA VAL A 185 18.52 -10.97 12.91
C VAL A 185 17.27 -11.81 12.69
N SER A 186 17.38 -12.86 11.87
CA SER A 186 16.22 -13.71 11.59
C SER A 186 15.71 -14.41 12.84
N ALA A 187 16.63 -14.93 13.67
CA ALA A 187 16.21 -15.63 14.88
C ALA A 187 15.56 -14.69 15.88
N ALA A 188 16.01 -13.44 15.94
CA ALA A 188 15.43 -12.49 16.88
C ALA A 188 14.05 -12.04 16.43
N ALA A 189 13.86 -11.84 15.13
CA ALA A 189 12.58 -11.39 14.59
C ALA A 189 11.65 -12.54 14.24
N LYS A 190 12.09 -13.79 14.42
CA LYS A 190 11.26 -14.93 14.04
C LYS A 190 9.95 -14.95 14.80
N ASP A 191 10.02 -14.77 16.12
CA ASP A 191 8.80 -14.78 16.94
C ASP A 191 7.86 -13.66 16.54
N SER A 192 8.41 -12.50 16.18
CA SER A 192 7.56 -11.37 15.80
C SER A 192 6.87 -11.61 14.47
N VAL A 193 7.59 -12.13 13.48
CA VAL A 193 7.00 -12.36 12.16
C VAL A 193 6.00 -13.52 12.22
N GLU A 194 6.34 -14.57 12.96
CA GLU A 194 5.39 -15.67 13.13
C GLU A 194 4.10 -15.18 13.78
N GLY A 195 4.19 -14.18 14.65
CA GLY A 195 2.98 -13.61 15.22
C GLY A 195 2.14 -12.90 14.19
N ILE A 196 2.78 -12.23 13.23
CA ILE A 196 2.04 -11.57 12.16
C ILE A 196 1.32 -12.61 11.30
N CYS A 197 2.04 -13.65 10.88
CA CYS A 197 1.44 -14.71 10.08
C CYS A 197 0.35 -15.45 10.84
N SER A 198 0.48 -15.54 12.16
CA SER A 198 -0.51 -16.26 12.97
C SER A 198 -1.72 -15.37 13.26
N LYS A 199 -1.51 -14.09 13.54
CA LYS A 199 -2.62 -13.20 13.86
C LYS A 199 -3.53 -13.02 12.65
N ILE A 200 -2.94 -12.81 11.46
CA ILE A 200 -3.75 -12.64 10.25
C ILE A 200 -4.56 -13.90 9.98
N TYR A 201 -3.97 -15.08 10.19
CA TYR A 201 -4.70 -16.32 9.98
C TYR A 201 -5.89 -16.44 10.93
N HIS A 202 -5.68 -16.11 12.20
CA HIS A 202 -6.76 -16.24 13.18
C HIS A 202 -7.86 -15.20 12.95
N ILE A 203 -7.50 -14.00 12.48
CA ILE A 203 -8.51 -13.00 12.15
C ILE A 203 -9.34 -13.48 10.97
N SER A 204 -8.69 -14.03 9.95
CA SER A 204 -9.42 -14.58 8.81
C SER A 204 -10.33 -15.72 9.24
N LEU A 205 -9.85 -16.59 10.11
CA LEU A 205 -10.67 -17.70 10.61
C LEU A 205 -11.92 -17.17 11.32
N GLU A 206 -11.78 -16.04 12.02
CA GLU A 206 -12.94 -15.41 12.66
C GLU A 206 -13.87 -14.80 11.60
N TYR A 207 -13.30 -14.23 10.54
CA TYR A 207 -14.12 -13.63 9.49
C TYR A 207 -14.90 -14.70 8.73
N VAL A 208 -14.31 -15.88 8.56
CA VAL A 208 -14.98 -16.95 7.83
C VAL A 208 -16.29 -17.33 8.52
N LYS A 209 -16.26 -17.44 9.85
CA LYS A 209 -17.47 -17.79 10.58
C LYS A 209 -18.51 -16.68 10.52
N ARG A 210 -18.06 -15.42 10.59
CA ARG A 210 -18.99 -14.31 10.40
C ARG A 210 -19.62 -14.35 9.02
N ILE A 211 -18.89 -14.85 8.02
CA ILE A 211 -19.46 -14.98 6.68
C ILE A 211 -20.41 -16.16 6.61
N ARG A 212 -20.05 -17.27 7.25
CA ARG A 212 -20.91 -18.45 7.22
C ARG A 212 -22.19 -18.24 8.01
N GLU A 213 -22.10 -17.55 9.15
CA GLU A 213 -23.30 -17.35 9.97
C GLU A 213 -24.33 -16.49 9.26
N LYS A 214 -23.89 -15.50 8.49
CA LYS A 214 -24.82 -14.72 7.69
C LYS A 214 -25.28 -15.49 6.45
N HIS A 215 -24.40 -16.33 5.89
CA HIS A 215 -24.79 -17.13 4.73
C HIS A 215 -25.83 -18.17 5.14
N LEU A 216 -25.64 -18.82 6.29
CA LEU A 216 -26.62 -19.79 6.76
C LEU A 216 -27.93 -19.12 7.14
N ALA A 217 -27.89 -17.89 7.65
CA ALA A 217 -29.12 -17.17 7.99
C ALA A 217 -29.93 -16.85 6.74
N ILE A 218 -29.26 -16.60 5.61
CA ILE A 218 -29.99 -16.34 4.37
C ILE A 218 -30.59 -17.63 3.84
N LEU A 219 -29.87 -18.75 3.97
CA LEU A 219 -30.41 -20.03 3.53
C LEU A 219 -31.61 -20.46 4.36
N LYS A 220 -31.51 -20.31 5.69
CA LYS A 220 -32.65 -20.65 6.54
C LYS A 220 -33.82 -19.71 6.32
N GLU A 221 -33.56 -18.45 5.95
CA GLU A 221 -34.63 -17.52 5.65
C GLU A 221 -35.42 -17.94 4.42
N ASN A 222 -34.75 -18.57 3.45
CA ASN A 222 -35.40 -19.03 2.23
C ASN A 222 -35.82 -20.50 2.30
N ASN A 223 -35.83 -21.09 3.49
CA ASN A 223 -36.27 -22.46 3.71
C ASN A 223 -35.41 -23.46 2.91
N ILE A 224 -34.10 -23.26 2.96
CA ILE A 224 -33.15 -24.14 2.29
C ILE A 224 -32.30 -24.81 3.35
N SER A 225 -32.16 -26.13 3.26
CA SER A 225 -31.40 -26.91 4.22
C SER A 225 -30.05 -27.32 3.64
N GLU A 226 -29.10 -27.60 4.54
CA GLU A 226 -27.76 -28.02 4.19
C GLU A 226 -27.65 -29.52 4.45
N GLU A 227 -28.24 -30.31 3.56
CA GLU A 227 -28.22 -31.76 3.68
C GLU A 227 -27.90 -32.38 2.33
N VAL A 228 -27.52 -33.65 2.36
CA VAL A 228 -27.20 -34.38 1.15
C VAL A 228 -28.50 -34.88 0.50
N GLU A 229 -28.53 -34.87 -0.83
CA GLU A 229 -29.72 -35.32 -1.56
C GLU A 229 -29.66 -36.80 -1.90
N ALA A 230 -28.69 -37.20 -2.71
CA ALA A 230 -28.53 -38.59 -3.10
C ALA A 230 -27.09 -38.85 -3.48
N PRO A 231 -26.22 -39.06 -2.48
CA PRO A 231 -24.80 -39.40 -2.76
C PRO A 231 -24.62 -40.76 -3.44
N GLU A 232 -25.69 -41.52 -3.66
CA GLU A 232 -25.58 -42.82 -4.32
C GLU A 232 -25.29 -42.59 -5.80
N VAL A 233 -24.05 -42.85 -6.20
CA VAL A 233 -23.60 -42.64 -7.58
C VAL A 233 -23.28 -43.99 -8.20
N GLU A 234 -23.62 -44.14 -9.49
CA GLU A 234 -23.15 -45.27 -10.27
C GLU A 234 -21.74 -44.95 -10.77
N PRO A 235 -20.71 -45.57 -10.20
CA PRO A 235 -19.33 -45.18 -10.54
C PRO A 235 -19.04 -45.41 -12.01
N ARG A 236 -18.51 -44.38 -12.66
CA ARG A 236 -18.29 -44.41 -14.10
C ARG A 236 -17.29 -43.34 -14.49
N LEU A 237 -16.72 -43.50 -15.67
CA LEU A 237 -15.78 -42.54 -16.24
C LEU A 237 -16.53 -41.68 -17.25
N VAL A 238 -16.49 -40.36 -17.06
CA VAL A 238 -17.23 -39.43 -17.90
C VAL A 238 -16.31 -38.29 -18.33
N TYR A 239 -16.75 -37.57 -19.35
CA TYR A 239 -16.07 -36.34 -19.72
C TYR A 239 -16.39 -35.24 -18.72
N CYS A 240 -15.41 -34.38 -18.47
CA CYS A 240 -15.52 -33.42 -17.39
C CYS A 240 -16.68 -32.46 -17.61
N TYR A 241 -17.29 -32.04 -16.51
CA TYR A 241 -18.42 -31.14 -16.48
C TYR A 241 -18.17 -30.09 -15.41
N PRO A 242 -18.84 -28.94 -15.48
CA PRO A 242 -18.61 -27.89 -14.48
C PRO A 242 -18.89 -28.38 -13.07
N VAL A 243 -18.13 -27.84 -12.11
CA VAL A 243 -18.30 -28.24 -10.73
C VAL A 243 -19.68 -27.81 -10.26
N ARG A 244 -20.39 -28.74 -9.61
CA ARG A 244 -21.74 -28.50 -9.13
C ARG A 244 -21.71 -28.25 -7.62
N LEU A 245 -22.75 -27.56 -7.14
CA LEU A 245 -22.87 -27.22 -5.74
C LEU A 245 -24.02 -28.02 -5.13
N ALA A 246 -23.77 -28.61 -3.95
CA ALA A 246 -24.73 -29.51 -3.34
C ALA A 246 -25.99 -28.77 -2.93
N VAL A 247 -25.86 -27.74 -2.11
CA VAL A 247 -27.01 -26.99 -1.63
C VAL A 247 -27.66 -26.26 -2.79
N SER A 248 -28.99 -26.29 -2.84
CA SER A 248 -29.72 -25.57 -3.88
C SER A 248 -29.56 -24.07 -3.69
N ALA A 249 -29.61 -23.34 -4.81
CA ALA A 249 -29.42 -21.89 -4.78
C ALA A 249 -30.74 -21.18 -4.45
N PRO A 250 -30.74 -20.27 -3.48
CA PRO A 250 -31.95 -19.53 -3.17
C PRO A 250 -32.21 -18.45 -4.21
N PRO A 251 -33.40 -17.86 -4.25
CA PRO A 251 -33.66 -16.75 -5.18
C PRO A 251 -32.79 -15.55 -4.84
N MET A 252 -32.17 -14.98 -5.88
CA MET A 252 -31.22 -13.88 -5.74
C MET A 252 -31.93 -12.54 -5.70
N PRO A 253 -31.37 -11.57 -4.97
CA PRO A 253 -31.93 -10.22 -4.98
C PRO A 253 -31.79 -9.58 -6.35
N SER A 254 -32.50 -8.47 -6.52
CA SER A 254 -32.49 -7.75 -7.79
C SER A 254 -31.21 -6.93 -7.92
N VAL A 255 -30.67 -6.89 -9.14
CA VAL A 255 -29.50 -6.08 -9.45
C VAL A 255 -29.81 -5.25 -10.69
N GLU A 256 -29.22 -4.06 -10.73
CA GLU A 256 -29.44 -3.12 -11.83
C GLU A 256 -28.19 -3.06 -12.71
N MET A 257 -28.39 -3.01 -14.02
CA MET A 257 -27.30 -3.09 -14.98
C MET A 257 -27.51 -2.07 -16.08
N HIS A 258 -26.45 -1.37 -16.44
CA HIS A 258 -26.45 -0.43 -17.55
C HIS A 258 -25.14 -0.54 -18.31
N MET A 259 -25.18 -0.14 -19.57
CA MET A 259 -24.00 -0.16 -20.44
C MET A 259 -23.67 1.26 -20.88
N GLU A 260 -22.38 1.62 -20.81
CA GLU A 260 -21.91 2.96 -21.17
C GLU A 260 -20.63 2.80 -21.96
N ASN A 261 -20.68 3.17 -23.24
CA ASN A 261 -19.52 3.08 -24.14
C ASN A 261 -18.93 1.67 -24.15
N ASN A 262 -19.80 0.70 -24.42
CA ASN A 262 -19.40 -0.71 -24.53
C ASN A 262 -18.79 -1.24 -23.25
N VAL A 263 -19.17 -0.66 -22.12
CA VAL A 263 -18.73 -1.12 -20.80
C VAL A 263 -19.97 -1.40 -19.97
N VAL A 264 -20.09 -2.62 -19.47
CA VAL A 264 -21.25 -3.04 -18.69
C VAL A 264 -21.00 -2.74 -17.22
N CYS A 265 -21.97 -2.10 -16.58
CA CYS A 265 -21.89 -1.75 -15.17
C CYS A 265 -23.07 -2.38 -14.44
N ILE A 266 -22.77 -3.23 -13.47
CA ILE A 266 -23.79 -3.92 -12.68
C ILE A 266 -23.72 -3.40 -11.26
N ARG A 267 -24.87 -3.05 -10.69
CA ARG A 267 -24.94 -2.41 -9.39
C ARG A 267 -25.79 -3.23 -8.43
N TYR A 268 -25.37 -3.26 -7.16
CA TYR A 268 -26.14 -3.88 -6.10
C TYR A 268 -25.86 -3.13 -4.81
N LYS A 269 -26.87 -2.43 -4.28
CA LYS A 269 -26.77 -1.69 -3.02
C LYS A 269 -25.59 -0.72 -3.05
N GLY A 270 -25.50 0.04 -4.14
CA GLY A 270 -24.46 1.04 -4.30
C GLY A 270 -23.13 0.53 -4.79
N GLU A 271 -22.84 -0.77 -4.64
CA GLU A 271 -21.59 -1.35 -5.11
C GLU A 271 -21.73 -1.73 -6.58
N MET A 272 -20.81 -1.24 -7.40
CA MET A 272 -20.86 -1.43 -8.85
C MET A 272 -19.61 -2.15 -9.32
N VAL A 273 -19.79 -3.15 -10.17
CA VAL A 273 -18.70 -3.84 -10.84
C VAL A 273 -18.79 -3.55 -12.34
N LYS A 274 -17.65 -3.58 -13.01
CA LYS A 274 -17.56 -3.24 -14.41
C LYS A 274 -16.94 -4.38 -15.21
N VAL A 275 -17.37 -4.50 -16.47
CA VAL A 275 -16.82 -5.48 -17.39
C VAL A 275 -17.10 -5.00 -18.81
N SER A 276 -16.15 -5.22 -19.71
CA SER A 276 -16.33 -4.78 -21.09
C SER A 276 -17.41 -5.62 -21.77
N ARG A 277 -17.86 -5.11 -22.93
CA ARG A 277 -19.03 -5.68 -23.58
C ARG A 277 -18.78 -7.08 -24.12
N ASN A 278 -17.65 -7.28 -24.81
CA ASN A 278 -17.37 -8.58 -25.41
C ASN A 278 -17.14 -9.65 -24.34
N TYR A 279 -16.52 -9.28 -23.22
CA TYR A 279 -16.39 -10.23 -22.12
C TYR A 279 -17.72 -10.48 -21.43
N PHE A 280 -18.59 -9.47 -21.41
CA PHE A 280 -19.95 -9.69 -20.91
C PHE A 280 -20.71 -10.67 -21.78
N SER A 281 -20.57 -10.55 -23.10
CA SER A 281 -21.17 -11.53 -24.00
C SER A 281 -20.50 -12.90 -23.84
N LYS A 282 -19.20 -12.91 -23.54
CA LYS A 282 -18.51 -14.18 -23.30
C LYS A 282 -19.09 -14.89 -22.09
N LEU A 283 -19.26 -14.16 -20.98
CA LEU A 283 -19.84 -14.76 -19.78
C LEU A 283 -21.24 -15.29 -20.04
N TRP A 284 -22.00 -14.64 -20.92
CA TRP A 284 -23.32 -15.15 -21.28
C TRP A 284 -23.22 -16.50 -21.96
N LEU A 285 -22.24 -16.66 -22.86
CA LEU A 285 -22.05 -17.95 -23.53
C LEU A 285 -21.58 -19.02 -22.55
N LEU A 286 -20.65 -18.66 -21.66
CA LEU A 286 -20.19 -19.61 -20.65
C LEU A 286 -21.33 -19.99 -19.71
N TYR A 287 -22.20 -19.03 -19.38
CA TYR A 287 -23.32 -19.33 -18.50
C TYR A 287 -24.31 -20.27 -19.17
N ARG A 288 -24.56 -20.08 -20.47
CA ARG A 288 -25.47 -20.96 -21.18
C ARG A 288 -24.85 -22.35 -21.39
N TYR A 289 -23.53 -22.41 -21.60
CA TYR A 289 -22.87 -23.69 -21.79
C TYR A 289 -22.77 -24.51 -20.51
N SER A 290 -22.89 -23.88 -19.34
CA SER A 290 -22.49 -24.54 -18.11
C SER A 290 -23.58 -24.61 -17.05
N CYS A 291 -24.42 -23.59 -16.94
CA CYS A 291 -25.38 -23.53 -15.85
C CYS A 291 -26.59 -24.42 -16.13
N ILE A 292 -26.96 -25.24 -15.15
CA ILE A 292 -28.07 -26.18 -15.31
C ILE A 292 -29.12 -26.06 -14.22
N ASP A 293 -28.93 -25.17 -13.24
CA ASP A 293 -29.92 -24.95 -12.20
C ASP A 293 -30.70 -23.66 -12.39
N ASP A 294 -30.37 -22.88 -13.43
CA ASP A 294 -31.06 -21.63 -13.74
C ASP A 294 -31.76 -21.84 -15.08
N SER A 295 -32.97 -22.40 -15.02
CA SER A 295 -33.64 -22.89 -16.23
C SER A 295 -33.93 -21.76 -17.21
N ALA A 296 -34.46 -20.64 -16.72
CA ALA A 296 -34.71 -19.48 -17.56
C ALA A 296 -33.54 -18.51 -17.56
N PHE A 297 -32.42 -18.89 -16.95
CA PHE A 297 -31.23 -18.05 -16.84
C PHE A 297 -31.58 -16.71 -16.21
N GLU A 298 -32.35 -16.78 -15.12
CA GLU A 298 -32.82 -15.61 -14.40
C GLU A 298 -31.88 -15.14 -13.31
N ARG A 299 -30.99 -16.01 -12.82
CA ARG A 299 -29.98 -15.62 -11.85
C ARG A 299 -28.67 -15.17 -12.52
N PHE A 300 -28.68 -14.96 -13.83
CA PHE A 300 -27.45 -14.64 -14.55
C PHE A 300 -26.84 -13.33 -14.05
N LEU A 301 -27.61 -12.24 -14.07
CA LEU A 301 -27.08 -10.94 -13.68
C LEU A 301 -26.55 -10.91 -12.26
N PRO A 302 -27.27 -11.39 -11.24
CA PRO A 302 -26.69 -11.36 -9.88
C PRO A 302 -25.49 -12.28 -9.72
N ARG A 303 -25.46 -13.42 -10.44
CA ARG A 303 -24.31 -14.30 -10.35
C ARG A 303 -23.09 -13.72 -11.07
N VAL A 304 -23.31 -12.91 -12.10
CA VAL A 304 -22.20 -12.19 -12.73
C VAL A 304 -21.66 -11.12 -11.78
N TRP A 305 -22.55 -10.46 -11.04
CA TRP A 305 -22.11 -9.48 -10.06
C TRP A 305 -21.23 -10.12 -8.99
N CYS A 306 -21.65 -11.29 -8.49
CA CYS A 306 -20.83 -12.00 -7.51
C CYS A 306 -19.49 -12.40 -8.09
N LEU A 307 -19.48 -12.84 -9.36
CA LEU A 307 -18.23 -13.25 -10.00
C LEU A 307 -17.25 -12.10 -10.10
N LEU A 308 -17.70 -10.96 -10.63
CA LEU A 308 -16.82 -9.80 -10.76
C LEU A 308 -16.43 -9.25 -9.39
N ARG A 309 -17.36 -9.29 -8.43
CA ARG A 309 -17.05 -8.81 -7.08
C ARG A 309 -16.03 -9.71 -6.40
N ARG A 310 -16.08 -11.02 -6.66
CA ARG A 310 -15.12 -11.94 -6.05
C ARG A 310 -13.71 -11.66 -6.56
N TYR A 311 -13.55 -11.52 -7.89
CA TYR A 311 -12.23 -11.24 -8.45
C TYR A 311 -11.78 -9.82 -8.19
N GLN A 312 -12.64 -8.95 -7.66
CA GLN A 312 -12.18 -7.65 -7.20
C GLN A 312 -11.46 -7.76 -5.86
N MET A 313 -11.97 -8.60 -4.95
CA MET A 313 -11.27 -8.84 -3.69
C MET A 313 -9.94 -9.54 -3.93
N MET A 314 -9.90 -10.46 -4.89
CA MET A 314 -8.66 -11.12 -5.28
C MET A 314 -7.65 -10.16 -5.89
N PHE A 315 -8.07 -8.96 -6.27
CA PHE A 315 -7.21 -7.97 -6.94
C PHE A 315 -6.58 -8.54 -8.20
N GLN A 326 -0.66 -13.89 -12.99
CA GLN A 326 0.01 -13.28 -14.13
C GLN A 326 -0.98 -13.09 -15.28
N GLY A 327 -0.46 -13.15 -16.51
CA GLY A 327 -1.26 -12.97 -17.70
C GLY A 327 -1.47 -14.28 -18.45
N SER A 328 -2.26 -14.17 -19.52
CA SER A 328 -2.68 -15.32 -20.30
C SER A 328 -1.83 -15.47 -21.55
N LEU A 329 -1.82 -16.69 -22.10
CA LEU A 329 -1.11 -16.93 -23.34
C LEU A 329 -1.82 -16.25 -24.51
N PRO A 330 -1.09 -15.90 -25.57
CA PRO A 330 -1.73 -15.27 -26.73
C PRO A 330 -2.74 -16.21 -27.38
N VAL A 331 -3.71 -15.61 -28.07
CA VAL A 331 -4.77 -16.40 -28.69
C VAL A 331 -4.21 -17.33 -29.76
N HIS A 332 -3.26 -16.85 -30.56
CA HIS A 332 -2.66 -17.70 -31.57
C HIS A 332 -1.85 -18.85 -30.97
N VAL A 333 -1.43 -18.72 -29.71
CA VAL A 333 -0.71 -19.81 -29.07
C VAL A 333 -1.68 -20.90 -28.59
N PHE A 334 -2.84 -20.50 -28.07
CA PHE A 334 -3.84 -21.48 -27.67
C PHE A 334 -4.37 -22.26 -28.87
N GLU A 335 -4.53 -21.58 -30.02
CA GLU A 335 -4.96 -22.27 -31.22
C GLU A 335 -3.94 -23.31 -31.66
N ALA A 336 -2.65 -23.01 -31.47
CA ALA A 336 -1.62 -23.98 -31.83
C ALA A 336 -1.61 -25.16 -30.87
N LEU A 337 -1.77 -24.90 -29.57
CA LEU A 337 -1.80 -25.98 -28.60
C LEU A 337 -2.96 -26.93 -28.85
N HIS A 338 -4.11 -26.38 -29.26
CA HIS A 338 -5.26 -27.23 -29.56
C HIS A 338 -5.08 -27.96 -30.88
N ARG A 339 -4.51 -27.28 -31.88
CA ARG A 339 -4.41 -27.86 -33.22
C ARG A 339 -3.32 -28.93 -33.28
N LEU A 340 -2.20 -28.71 -32.57
CA LEU A 340 -1.05 -29.62 -32.62
C LEU A 340 -1.05 -30.65 -31.50
N PHE A 341 -1.46 -30.29 -30.29
CA PHE A 341 -1.37 -31.19 -29.14
C PHE A 341 -2.73 -31.49 -28.52
N GLY A 342 -3.82 -31.14 -29.21
CA GLY A 342 -5.14 -31.47 -28.73
C GLY A 342 -5.53 -30.84 -27.41
N VAL A 343 -4.88 -29.74 -27.04
CA VAL A 343 -5.18 -29.09 -25.77
C VAL A 343 -6.61 -28.55 -25.80
N SER A 344 -7.37 -28.83 -24.73
CA SER A 344 -8.74 -28.38 -24.65
C SER A 344 -9.12 -27.86 -23.27
N PHE A 345 -8.14 -27.68 -22.37
CA PHE A 345 -8.43 -27.44 -20.97
C PHE A 345 -7.30 -26.62 -20.36
N GLU A 346 -7.65 -25.63 -19.55
CA GLU A 346 -6.70 -24.81 -18.83
C GLU A 346 -6.76 -25.17 -17.36
N CYS A 347 -5.66 -25.66 -16.81
CA CYS A 347 -5.65 -26.06 -15.41
C CYS A 347 -5.66 -24.86 -14.47
N PHE A 348 -5.32 -23.67 -14.95
CA PHE A 348 -5.30 -22.47 -14.13
C PHE A 348 -5.86 -21.33 -14.96
N ALA A 349 -7.09 -20.91 -14.66
CA ALA A 349 -7.74 -19.88 -15.44
C ALA A 349 -8.84 -19.24 -14.59
N SER A 350 -9.76 -18.55 -15.25
CA SER A 350 -10.91 -17.92 -14.61
C SER A 350 -11.94 -17.65 -15.68
N PRO A 351 -13.21 -17.48 -15.32
CA PRO A 351 -14.22 -17.09 -16.33
C PRO A 351 -13.83 -15.83 -17.11
N LEU A 352 -12.94 -14.98 -16.59
CA LEU A 352 -12.56 -13.74 -17.26
C LEU A 352 -11.37 -13.90 -18.19
N ASN A 353 -10.54 -14.93 -18.01
CA ASN A 353 -9.37 -15.12 -18.86
C ASN A 353 -9.32 -16.48 -19.56
N CYS A 354 -10.32 -17.34 -19.38
CA CYS A 354 -10.26 -18.66 -19.97
C CYS A 354 -10.40 -18.59 -21.48
N TYR A 355 -9.69 -19.49 -22.18
CA TYR A 355 -9.79 -19.62 -23.62
C TYR A 355 -10.81 -20.68 -24.03
N PHE A 356 -10.87 -21.78 -23.27
CA PHE A 356 -11.83 -22.85 -23.50
C PHE A 356 -13.02 -22.71 -22.55
N ARG A 357 -14.12 -23.37 -22.89
CA ARG A 357 -15.29 -23.37 -22.01
C ARG A 357 -15.14 -24.35 -20.86
N GLN A 358 -14.05 -25.10 -20.79
CA GLN A 358 -13.73 -25.97 -19.67
C GLN A 358 -12.36 -25.61 -19.13
N TYR A 359 -12.25 -25.46 -17.82
CA TYR A 359 -11.03 -24.98 -17.17
C TYR A 359 -11.18 -25.16 -15.67
N CYS A 360 -10.08 -24.99 -14.96
CA CYS A 360 -10.07 -24.96 -13.50
C CYS A 360 -9.83 -23.54 -13.04
N SER A 361 -10.50 -23.15 -11.95
CA SER A 361 -10.36 -21.81 -11.41
C SER A 361 -10.31 -21.89 -9.89
N ALA A 362 -10.04 -20.74 -9.26
CA ALA A 362 -9.82 -20.70 -7.82
C ALA A 362 -11.10 -20.80 -7.01
N PHE A 363 -12.26 -20.52 -7.60
CA PHE A 363 -13.52 -20.43 -6.85
C PHE A 363 -14.58 -21.29 -7.52
N PRO A 364 -15.00 -22.39 -6.90
CA PRO A 364 -16.03 -23.24 -7.52
C PRO A 364 -17.44 -22.70 -7.38
N ASP A 365 -17.69 -21.81 -6.42
CA ASP A 365 -19.06 -21.33 -6.21
C ASP A 365 -19.45 -20.28 -7.23
N THR A 366 -18.56 -19.35 -7.54
CA THR A 366 -18.88 -18.29 -8.50
C THR A 366 -18.54 -18.67 -9.94
N ASP A 367 -17.53 -19.51 -10.14
CA ASP A 367 -17.05 -19.81 -11.48
C ASP A 367 -17.63 -21.08 -12.08
N GLY A 368 -18.16 -21.98 -11.25
CA GLY A 368 -18.75 -23.20 -11.79
C GLY A 368 -19.89 -22.94 -12.75
N TYR A 369 -20.66 -21.87 -12.50
CA TYR A 369 -21.75 -21.50 -13.39
C TYR A 369 -21.25 -21.07 -14.77
N PHE A 370 -19.97 -20.74 -14.89
CA PHE A 370 -19.40 -20.25 -16.15
C PHE A 370 -18.39 -21.21 -16.75
N GLY A 371 -18.42 -22.48 -16.37
CA GLY A 371 -17.60 -23.50 -16.99
C GLY A 371 -16.44 -24.03 -16.16
N SER A 372 -16.17 -23.46 -14.99
CA SER A 372 -15.05 -23.91 -14.18
C SER A 372 -15.28 -25.30 -13.63
N ARG A 373 -14.21 -26.08 -13.52
CA ARG A 373 -14.23 -27.40 -12.91
C ARG A 373 -13.74 -27.38 -11.46
N GLY A 374 -13.67 -26.20 -10.86
CA GLY A 374 -13.20 -26.07 -9.49
C GLY A 374 -11.70 -25.88 -9.43
N PRO A 375 -11.16 -25.81 -8.20
CA PRO A 375 -9.71 -25.70 -8.04
C PRO A 375 -8.98 -26.88 -8.66
N CYS A 376 -7.79 -26.60 -9.19
CA CYS A 376 -7.03 -27.60 -9.95
C CYS A 376 -6.65 -28.79 -9.08
N LEU A 377 -6.25 -28.55 -7.84
CA LEU A 377 -5.82 -29.64 -6.96
C LEU A 377 -6.95 -30.58 -6.60
N ASP A 378 -8.21 -30.16 -6.77
CA ASP A 378 -9.36 -31.01 -6.53
C ASP A 378 -9.88 -31.66 -7.82
N PHE A 379 -9.23 -31.41 -8.94
CA PHE A 379 -9.64 -31.94 -10.24
C PHE A 379 -8.63 -33.03 -10.63
N ALA A 380 -9.10 -34.28 -10.71
CA ALA A 380 -8.23 -35.44 -10.93
C ALA A 380 -8.61 -36.12 -12.25
N PRO A 381 -8.14 -35.58 -13.38
CA PRO A 381 -8.47 -36.19 -14.67
C PRO A 381 -7.70 -37.48 -14.91
N LEU A 382 -8.36 -38.39 -15.62
CA LEU A 382 -7.76 -39.65 -16.03
C LEU A 382 -7.29 -39.65 -17.48
N SER A 383 -7.66 -38.62 -18.25
CA SER A 383 -7.24 -38.50 -19.64
C SER A 383 -7.42 -37.06 -20.08
N GLY A 384 -6.79 -36.72 -21.21
CA GLY A 384 -6.95 -35.40 -21.80
C GLY A 384 -5.66 -34.66 -22.00
N SER A 385 -5.70 -33.64 -22.86
CA SER A 385 -4.56 -32.77 -23.12
C SER A 385 -4.80 -31.43 -22.42
N PHE A 386 -3.85 -31.03 -21.58
CA PHE A 386 -4.03 -29.90 -20.68
C PHE A 386 -2.94 -28.86 -20.87
N GLU A 387 -3.26 -27.63 -20.48
CA GLU A 387 -2.33 -26.51 -20.46
C GLU A 387 -2.31 -25.93 -19.06
N ALA A 388 -1.11 -25.59 -18.57
CA ALA A 388 -0.93 -25.12 -17.19
C ALA A 388 -0.09 -23.86 -17.20
N ASN A 389 -0.70 -22.75 -16.78
CA ASN A 389 -0.01 -21.47 -16.59
C ASN A 389 -0.39 -20.97 -15.20
N PRO A 390 0.20 -21.55 -14.15
CA PRO A 390 -0.23 -21.25 -12.78
C PRO A 390 0.27 -19.90 -12.32
N PRO A 391 -0.38 -19.30 -11.32
CA PRO A 391 0.15 -18.08 -10.72
C PRO A 391 1.49 -18.35 -10.05
N PHE A 392 2.29 -17.29 -9.91
CA PHE A 392 3.60 -17.47 -9.30
C PHE A 392 3.43 -17.60 -7.80
N CYS A 393 3.39 -18.86 -7.33
CA CYS A 393 3.31 -19.17 -5.90
C CYS A 393 3.96 -20.53 -5.73
N GLU A 394 5.10 -20.56 -5.04
CA GLU A 394 5.93 -21.76 -5.02
C GLU A 394 5.18 -22.94 -4.41
N GLU A 395 4.44 -22.72 -3.33
CA GLU A 395 3.71 -23.80 -2.69
C GLU A 395 2.64 -24.37 -3.63
N LEU A 396 1.96 -23.51 -4.39
CA LEU A 396 0.97 -23.99 -5.34
C LEU A 396 1.63 -24.67 -6.53
N MET A 397 2.72 -24.09 -7.02
CA MET A 397 3.44 -24.71 -8.14
C MET A 397 3.98 -26.08 -7.74
N ASP A 398 4.57 -26.19 -6.55
CA ASP A 398 5.11 -27.47 -6.10
C ASP A 398 4.01 -28.51 -5.98
N ALA A 399 2.87 -28.13 -5.40
CA ALA A 399 1.74 -29.05 -5.31
C ALA A 399 1.22 -29.43 -6.69
N MET A 400 1.38 -28.53 -7.67
CA MET A 400 0.88 -28.79 -9.01
C MET A 400 1.63 -29.93 -9.68
N VAL A 401 2.96 -29.88 -9.70
CA VAL A 401 3.71 -30.94 -10.36
C VAL A 401 3.57 -32.25 -9.60
N SER A 402 3.44 -32.19 -8.27
CA SER A 402 3.13 -33.41 -7.52
C SER A 402 1.75 -33.92 -7.91
N HIS A 403 0.79 -33.02 -8.10
CA HIS A 403 -0.54 -33.43 -8.54
C HIS A 403 -0.48 -34.01 -9.95
N PHE A 404 0.24 -33.33 -10.86
CA PHE A 404 0.32 -33.81 -12.24
C PHE A 404 1.02 -35.16 -12.32
N GLU A 405 2.10 -35.34 -11.54
CA GLU A 405 2.84 -36.59 -11.60
C GLU A 405 2.02 -37.76 -11.07
N ARG A 406 1.19 -37.54 -10.06
CA ARG A 406 0.30 -38.60 -9.59
C ARG A 406 -0.71 -38.99 -10.66
N LEU A 407 -1.24 -37.99 -11.38
CA LEU A 407 -2.20 -38.29 -12.44
C LEU A 407 -1.54 -39.02 -13.59
N LEU A 408 -0.29 -38.69 -13.90
CA LEU A 408 0.43 -39.39 -14.96
C LEU A 408 0.85 -40.79 -14.53
N GLU A 409 1.13 -40.98 -13.23
CA GLU A 409 1.54 -42.28 -12.72
C GLU A 409 0.41 -43.30 -12.84
N SER A 410 -0.78 -42.93 -12.39
CA SER A 410 -1.86 -43.89 -12.13
C SER A 410 -2.95 -43.86 -13.20
N SER A 411 -2.58 -43.71 -14.47
CA SER A 411 -3.58 -43.72 -15.53
C SER A 411 -3.02 -44.27 -16.83
N PRO A 412 -3.63 -45.32 -17.38
CA PRO A 412 -3.18 -45.87 -18.67
C PRO A 412 -3.77 -45.16 -19.88
N GLU A 413 -4.59 -44.13 -19.69
CA GLU A 413 -5.23 -43.37 -20.74
C GLU A 413 -4.35 -42.18 -21.14
N PRO A 414 -4.45 -41.72 -22.39
CA PRO A 414 -3.59 -40.61 -22.85
C PRO A 414 -3.79 -39.36 -22.02
N LEU A 415 -2.70 -38.87 -21.43
CA LEU A 415 -2.73 -37.74 -20.52
C LEU A 415 -1.53 -36.86 -20.80
N SER A 416 -1.75 -35.55 -20.94
CA SER A 416 -0.69 -34.63 -21.31
C SER A 416 -0.87 -33.31 -20.59
N PHE A 417 0.24 -32.76 -20.10
CA PHE A 417 0.26 -31.47 -19.43
C PHE A 417 1.39 -30.63 -20.03
N ILE A 418 1.03 -29.54 -20.70
CA ILE A 418 2.02 -28.60 -21.23
C ILE A 418 2.03 -27.38 -20.30
N VAL A 419 3.09 -27.25 -19.51
CA VAL A 419 3.15 -26.28 -18.42
C VAL A 419 4.03 -25.10 -18.82
N PHE A 420 3.50 -23.89 -18.64
CA PHE A 420 4.21 -22.65 -18.92
C PHE A 420 4.63 -22.03 -17.59
N ILE A 421 5.93 -22.04 -17.31
CA ILE A 421 6.44 -21.45 -16.08
C ILE A 421 7.62 -20.55 -16.41
N PRO A 422 7.63 -19.31 -15.93
CA PRO A 422 8.74 -18.41 -16.26
C PRO A 422 9.97 -18.72 -15.44
N GLU A 423 11.13 -18.48 -16.06
CA GLU A 423 12.41 -18.48 -15.36
C GLU A 423 12.60 -17.11 -14.67
N TRP A 424 11.62 -16.80 -13.82
CA TRP A 424 11.56 -15.50 -13.15
C TRP A 424 12.67 -15.36 -12.12
N ARG A 425 12.78 -16.33 -11.22
CA ARG A 425 13.68 -16.23 -10.08
C ARG A 425 15.09 -16.67 -10.47
N GLU A 426 16.07 -15.84 -10.09
CA GLU A 426 17.50 -15.93 -10.33
C GLU A 426 18.03 -17.32 -9.95
N PRO A 427 17.59 -17.90 -8.83
CA PRO A 427 17.65 -19.34 -8.67
C PRO A 427 16.28 -19.95 -8.85
N PRO A 428 16.14 -20.93 -9.73
CA PRO A 428 14.81 -21.38 -10.15
C PRO A 428 13.99 -21.95 -9.00
N THR A 429 12.67 -21.83 -9.14
CA THR A 429 11.76 -22.45 -8.20
C THR A 429 11.99 -23.96 -8.19
N PRO A 430 11.90 -24.61 -7.03
CA PRO A 430 11.98 -26.08 -7.03
C PRO A 430 10.96 -26.75 -7.94
N ALA A 431 9.78 -26.13 -8.13
CA ALA A 431 8.78 -26.72 -9.00
C ALA A 431 9.28 -26.83 -10.44
N LEU A 432 9.98 -25.81 -10.93
CA LEU A 432 10.52 -25.87 -12.28
C LEU A 432 11.59 -26.96 -12.39
N THR A 433 12.44 -27.07 -11.37
CA THR A 433 13.50 -28.09 -11.39
C THR A 433 12.89 -29.50 -11.31
N ARG A 434 11.82 -29.66 -10.54
CA ARG A 434 11.18 -30.97 -10.43
C ARG A 434 10.62 -31.44 -11.77
N MET A 435 10.02 -30.53 -12.54
CA MET A 435 9.49 -30.92 -13.83
C MET A 435 10.59 -31.19 -14.84
N GLU A 436 11.72 -30.49 -14.74
CA GLU A 436 12.83 -30.73 -15.64
C GLU A 436 13.38 -32.15 -15.48
N GLN A 437 13.30 -32.70 -14.27
CA GLN A 437 13.80 -34.04 -13.99
C GLN A 437 12.69 -35.07 -13.96
N SER A 438 11.50 -34.73 -14.43
CA SER A 438 10.38 -35.67 -14.42
C SER A 438 10.59 -36.74 -15.48
N ARG A 439 10.16 -37.97 -15.17
CA ARG A 439 10.21 -39.05 -16.15
C ARG A 439 9.13 -38.91 -17.21
N PHE A 440 8.17 -38.00 -17.02
CA PHE A 440 7.15 -37.72 -18.02
C PHE A 440 7.49 -36.53 -18.89
N LYS A 441 8.58 -35.82 -18.61
CA LYS A 441 9.02 -34.72 -19.45
C LYS A 441 9.45 -35.27 -20.81
N ARG A 442 8.72 -34.90 -21.86
CA ARG A 442 9.01 -35.34 -23.21
C ARG A 442 9.79 -34.32 -24.02
N HIS A 443 9.70 -33.04 -23.67
CA HIS A 443 10.46 -31.98 -24.30
C HIS A 443 10.37 -30.73 -23.44
N GLN A 444 11.47 -29.99 -23.36
CA GLN A 444 11.52 -28.73 -22.63
C GLN A 444 11.86 -27.62 -23.62
N LEU A 445 11.00 -26.61 -23.68
CA LEU A 445 11.16 -25.49 -24.60
C LEU A 445 11.34 -24.20 -23.82
N ILE A 446 12.15 -23.30 -24.37
CA ILE A 446 12.47 -22.03 -23.73
C ILE A 446 12.00 -20.90 -24.63
N LEU A 447 11.10 -20.06 -24.10
CA LEU A 447 10.66 -18.86 -24.80
C LEU A 447 11.55 -17.70 -24.39
N PRO A 448 12.35 -17.13 -25.28
CA PRO A 448 13.33 -16.12 -24.87
C PRO A 448 12.66 -14.86 -24.34
N ALA A 449 13.34 -14.20 -23.40
CA ALA A 449 12.85 -12.95 -22.85
C ALA A 449 12.82 -11.88 -23.93
N PHE A 450 11.85 -10.97 -23.82
CA PHE A 450 11.59 -9.89 -24.76
C PHE A 450 11.27 -10.38 -26.16
N GLU A 451 11.02 -11.69 -26.33
CA GLU A 451 10.74 -12.26 -27.63
C GLU A 451 9.43 -13.03 -27.67
N HIS A 452 8.63 -12.97 -26.61
CA HIS A 452 7.30 -13.56 -26.61
C HIS A 452 6.39 -12.73 -25.72
N GLU A 453 5.08 -12.90 -25.90
CA GLU A 453 4.09 -12.02 -25.30
C GLU A 453 3.15 -12.77 -24.37
N TYR A 454 2.43 -11.99 -23.57
CA TYR A 454 1.32 -12.48 -22.77
C TYR A 454 0.17 -11.49 -22.90
N ARG A 455 -1.04 -11.95 -22.60
CA ARG A 455 -2.19 -11.07 -22.52
C ARG A 455 -2.33 -10.51 -21.11
N SER A 456 -3.00 -9.37 -21.02
CA SER A 456 -3.10 -8.66 -19.75
C SER A 456 -3.88 -9.46 -18.72
N GLY A 457 -3.49 -9.30 -17.45
CA GLY A 457 -4.26 -9.89 -16.37
C GLY A 457 -5.58 -9.18 -16.14
N SER A 458 -5.65 -7.91 -16.51
CA SER A 458 -6.88 -7.12 -16.50
C SER A 458 -7.59 -7.15 -17.85
N GLN A 459 -7.44 -8.25 -18.60
CA GLN A 459 -7.94 -8.31 -19.98
C GLN A 459 -9.45 -8.17 -20.07
N HIS A 460 -10.17 -8.46 -18.98
CA HIS A 460 -11.63 -8.44 -19.03
C HIS A 460 -12.21 -7.03 -19.11
N ILE A 461 -11.42 -5.99 -18.87
CA ILE A 461 -11.95 -4.63 -18.92
C ILE A 461 -10.96 -3.68 -19.57
N CYS A 462 -9.72 -4.12 -19.75
CA CYS A 462 -8.72 -3.24 -20.36
C CYS A 462 -8.97 -3.09 -21.85
N LYS A 463 -8.40 -2.02 -22.43
CA LYS A 463 -8.62 -1.70 -23.83
C LYS A 463 -7.78 -2.59 -24.73
N LYS A 464 -8.11 -2.57 -26.02
CA LYS A 464 -7.44 -3.43 -26.99
C LYS A 464 -5.97 -3.05 -27.17
N GLU A 465 -5.64 -1.77 -27.00
CA GLU A 465 -4.25 -1.33 -27.08
C GLU A 465 -3.44 -1.72 -25.86
N GLU A 466 -4.09 -2.17 -24.79
CA GLU A 466 -3.43 -2.55 -23.55
C GLU A 466 -3.46 -4.06 -23.31
N MET A 467 -3.88 -4.84 -24.30
CA MET A 467 -4.04 -6.28 -24.09
C MET A 467 -2.68 -6.97 -23.93
N HIS A 468 -1.82 -6.87 -24.94
CA HIS A 468 -0.61 -7.67 -25.01
C HIS A 468 0.59 -6.90 -24.49
N TYR A 469 1.51 -7.62 -23.85
CA TYR A 469 2.74 -7.06 -23.34
C TYR A 469 3.88 -8.06 -23.52
N LYS A 470 5.08 -7.54 -23.72
CA LYS A 470 6.24 -8.39 -23.88
C LYS A 470 6.66 -8.99 -22.54
N ALA A 471 7.02 -10.27 -22.56
CA ALA A 471 7.53 -10.94 -21.37
C ALA A 471 8.99 -10.54 -21.15
N VAL A 472 9.28 -9.90 -20.02
CA VAL A 472 10.65 -9.49 -19.73
C VAL A 472 11.52 -10.62 -19.24
N HIS A 473 10.97 -11.83 -19.10
CA HIS A 473 11.72 -12.98 -18.63
C HIS A 473 11.51 -14.15 -19.59
N ASN A 474 12.40 -15.13 -19.47
CA ASN A 474 12.21 -16.37 -20.21
C ASN A 474 11.03 -17.14 -19.66
N THR A 475 10.46 -18.01 -20.50
CA THR A 475 9.36 -18.88 -20.11
C THR A 475 9.72 -20.31 -20.47
N ALA A 476 9.69 -21.20 -19.48
CA ALA A 476 9.96 -22.60 -19.69
C ALA A 476 8.66 -23.33 -20.04
N VAL A 477 8.66 -24.02 -21.17
CA VAL A 477 7.53 -24.82 -21.62
C VAL A 477 7.92 -26.28 -21.52
N LEU A 478 7.22 -27.03 -20.67
CA LEU A 478 7.56 -28.42 -20.41
C LEU A 478 6.38 -29.31 -20.80
N PHE A 479 6.67 -30.39 -21.52
CA PHE A 479 5.66 -31.33 -21.98
C PHE A 479 5.71 -32.55 -21.07
N LEU A 480 4.74 -32.64 -20.16
CA LEU A 480 4.63 -33.75 -19.22
C LEU A 480 3.55 -34.69 -19.74
N GLN A 481 3.95 -35.88 -20.19
CA GLN A 481 3.06 -36.83 -20.81
C GLN A 481 3.40 -38.24 -20.37
N ASN A 482 2.37 -39.05 -20.13
CA ASN A 482 2.58 -40.47 -19.92
C ASN A 482 2.79 -41.15 -21.27
N ASP A 483 2.99 -42.47 -21.25
CA ASP A 483 3.25 -43.20 -22.50
C ASP A 483 2.10 -43.07 -23.50
N PRO A 484 0.83 -43.32 -23.15
CA PRO A 484 -0.23 -43.16 -24.14
C PRO A 484 -0.46 -41.71 -24.54
N GLY A 485 -0.22 -40.76 -23.64
CA GLY A 485 -0.34 -39.36 -24.01
C GLY A 485 0.75 -38.92 -24.96
N PHE A 486 1.97 -39.45 -24.79
CA PHE A 486 3.05 -39.16 -25.71
C PHE A 486 2.81 -39.82 -27.07
N ALA A 487 2.13 -40.97 -27.08
CA ALA A 487 1.83 -41.63 -28.35
C ALA A 487 0.83 -40.84 -29.18
N LYS A 488 0.01 -40.01 -28.55
CA LYS A 488 -1.07 -39.28 -29.22
C LYS A 488 -0.74 -37.83 -29.50
N TRP A 489 -0.06 -37.14 -28.58
CA TRP A 489 0.28 -35.73 -28.72
C TRP A 489 1.77 -35.50 -28.50
N ALA A 490 2.60 -36.26 -29.23
CA ALA A 490 4.04 -36.17 -29.05
C ALA A 490 4.56 -34.81 -29.50
N PRO A 491 5.59 -34.29 -28.82
CA PRO A 491 6.26 -33.06 -29.28
C PRO A 491 7.24 -33.35 -30.42
N THR A 492 6.69 -33.70 -31.58
CA THR A 492 7.51 -33.99 -32.74
C THR A 492 8.17 -32.71 -33.25
N PRO A 493 9.28 -32.84 -33.99
CA PRO A 493 9.94 -31.64 -34.52
C PRO A 493 9.04 -30.80 -35.39
N GLU A 494 8.19 -31.41 -36.22
CA GLU A 494 7.27 -30.64 -37.05
C GLU A 494 6.21 -29.96 -36.20
N ARG A 495 5.78 -30.59 -35.11
CA ARG A 495 4.83 -29.93 -34.21
C ARG A 495 5.49 -28.82 -33.41
N LEU A 496 6.68 -29.07 -32.87
CA LEU A 496 7.42 -28.01 -32.18
C LEU A 496 7.76 -26.88 -33.12
N GLN A 497 7.86 -27.15 -34.42
CA GLN A 497 8.13 -26.10 -35.40
C GLN A 497 6.96 -25.13 -35.48
N GLU A 498 5.73 -25.65 -35.62
CA GLU A 498 4.57 -24.78 -35.75
C GLU A 498 4.23 -24.12 -34.42
N LEU A 499 4.57 -24.75 -33.30
CA LEU A 499 4.32 -24.12 -32.00
C LEU A 499 5.12 -22.84 -31.85
N SER A 500 6.43 -22.91 -32.14
CA SER A 500 7.27 -21.71 -32.09
C SER A 500 6.91 -20.71 -33.20
N ALA A 501 6.27 -21.18 -34.27
CA ALA A 501 5.84 -20.27 -35.33
C ALA A 501 4.72 -19.35 -34.87
N ALA A 502 3.90 -19.81 -33.92
CA ALA A 502 2.84 -18.98 -33.37
C ALA A 502 3.35 -17.92 -32.39
N TYR A 503 4.59 -18.05 -31.93
CA TYR A 503 5.21 -17.07 -31.05
C TYR A 503 6.04 -16.04 -31.82
N ARG A 504 5.67 -15.76 -33.07
CA ARG A 504 6.41 -14.82 -33.89
C ARG A 504 5.47 -13.85 -34.59
N GLU B 1 20.86 4.35 39.26
CA GLU B 1 19.50 4.87 39.25
C GLU B 1 18.48 3.73 39.27
N ASN B 2 17.27 4.03 39.72
CA ASN B 2 16.18 3.07 39.76
C ASN B 2 14.97 3.74 39.10
N LEU B 3 14.68 3.35 37.86
CA LEU B 3 13.62 4.01 37.11
C LEU B 3 12.26 3.64 37.66
N TYR B 4 11.32 4.59 37.54
CA TYR B 4 9.92 4.33 37.89
C TYR B 4 9.40 3.12 37.11
N PHE B 5 9.70 3.07 35.82
CA PHE B 5 9.43 1.90 34.99
C PHE B 5 10.40 1.94 33.82
N GLN B 6 10.27 0.96 32.91
CA GLN B 6 11.25 0.80 31.85
C GLN B 6 11.26 1.97 30.88
N GLY B 7 10.11 2.58 30.63
CA GLY B 7 10.05 3.71 29.70
C GLY B 7 9.80 5.03 30.41
N SER B 8 10.41 5.23 31.58
CA SER B 8 10.16 6.40 32.40
C SER B 8 11.05 7.58 32.03
N HIS B 9 11.53 7.65 30.79
CA HIS B 9 12.23 8.84 30.30
C HIS B 9 11.22 9.87 29.83
N VAL B 10 11.48 11.14 30.15
CA VAL B 10 10.62 12.23 29.71
C VAL B 10 11.36 13.00 28.62
N TYR B 11 10.60 13.48 27.63
CA TYR B 11 11.15 14.15 26.46
C TYR B 11 10.44 15.49 26.26
N TRP B 12 10.25 16.22 27.35
CA TRP B 12 9.48 17.45 27.35
C TRP B 12 9.81 18.22 28.62
N ASP B 13 9.61 19.54 28.56
CA ASP B 13 9.78 20.43 29.71
C ASP B 13 8.56 21.35 29.72
N LEU B 14 7.49 20.90 30.36
CA LEU B 14 6.24 21.63 30.37
C LEU B 14 6.21 22.75 31.40
N ASP B 15 7.31 23.00 32.11
CA ASP B 15 7.38 24.13 33.02
C ASP B 15 7.79 25.41 32.32
N ILE B 16 8.35 25.32 31.11
CA ILE B 16 8.73 26.50 30.35
C ILE B 16 7.47 27.27 29.98
N GLN B 17 7.40 28.53 30.43
CA GLN B 17 6.29 29.39 30.04
C GLN B 17 6.58 30.03 28.69
N THR B 18 5.52 30.49 28.03
CA THR B 18 5.63 31.03 26.68
C THR B 18 6.12 32.48 26.72
N ASN B 19 6.90 32.84 25.71
CA ASN B 19 7.18 34.24 25.40
C ASN B 19 6.55 34.68 24.09
N ALA B 20 5.66 33.85 23.54
CA ALA B 20 4.94 34.21 22.32
C ALA B 20 3.81 35.18 22.67
N VAL B 21 3.70 36.25 21.88
CA VAL B 21 2.69 37.28 22.09
C VAL B 21 1.86 37.41 20.83
N ILE B 22 0.53 37.41 20.99
CA ILE B 22 -0.39 37.58 19.87
C ILE B 22 -1.42 38.62 20.25
N LYS B 23 -2.05 39.21 19.23
CA LYS B 23 -3.27 39.96 19.46
C LYS B 23 -4.38 38.98 19.81
N HIS B 24 -5.15 39.33 20.84
CA HIS B 24 -6.20 38.43 21.33
C HIS B 24 -7.18 38.11 20.21
N ARG B 25 -7.34 36.83 19.91
CA ARG B 25 -8.14 36.36 18.80
C ARG B 25 -9.37 35.62 19.32
N GLY B 26 -10.42 35.61 18.50
CA GLY B 26 -11.64 34.91 18.83
C GLY B 26 -11.46 33.41 18.71
N PRO B 27 -12.47 32.66 19.15
CA PRO B 27 -12.38 31.19 19.10
C PRO B 27 -12.37 30.68 17.67
N SER B 28 -12.00 29.40 17.55
CA SER B 28 -11.98 28.74 16.26
C SER B 28 -13.36 28.22 15.90
N GLU B 29 -13.70 28.29 14.61
CA GLU B 29 -15.00 27.81 14.14
C GLU B 29 -15.14 26.30 14.24
N VAL B 30 -14.03 25.57 14.41
CA VAL B 30 -14.08 24.12 14.42
C VAL B 30 -14.87 23.61 15.63
N LEU B 31 -15.62 22.52 15.42
CA LEU B 31 -16.45 21.95 16.46
C LEU B 31 -15.63 21.08 17.40
N PRO B 32 -16.02 21.00 18.67
CA PRO B 32 -15.29 20.16 19.61
C PRO B 32 -15.38 18.71 19.21
N PRO B 33 -14.32 17.93 19.44
CA PRO B 33 -14.32 16.53 19.00
C PRO B 33 -15.30 15.68 19.80
N HIS B 34 -15.75 14.60 19.17
CA HIS B 34 -16.68 13.65 19.75
C HIS B 34 -16.30 12.29 19.21
N PRO B 35 -16.30 11.24 20.05
CA PRO B 35 -15.85 9.93 19.57
C PRO B 35 -16.71 9.35 18.46
N GLU B 36 -18.00 9.65 18.45
CA GLU B 36 -18.87 9.13 17.40
C GLU B 36 -18.55 9.79 16.05
N VAL B 37 -18.13 11.05 16.06
CA VAL B 37 -17.77 11.72 14.82
C VAL B 37 -16.39 11.28 14.36
N GLU B 38 -15.45 11.13 15.29
CA GLU B 38 -14.12 10.63 14.93
C GLU B 38 -14.18 9.21 14.42
N LEU B 39 -15.11 8.40 14.94
CA LEU B 39 -15.28 7.05 14.43
C LEU B 39 -15.74 7.07 12.98
N LEU B 40 -16.66 7.98 12.65
CA LEU B 40 -17.07 8.13 11.25
C LEU B 40 -15.95 8.74 10.41
N ARG B 41 -15.18 9.66 10.99
CA ARG B 41 -14.09 10.29 10.25
C ARG B 41 -12.97 9.31 9.95
N SER B 42 -12.76 8.32 10.82
CA SER B 42 -11.71 7.34 10.57
C SER B 42 -12.07 6.39 9.43
N GLN B 43 -13.32 5.90 9.42
CA GLN B 43 -13.73 4.98 8.38
C GLN B 43 -13.97 5.69 7.04
N LEU B 44 -14.19 7.00 7.04
CA LEU B 44 -14.27 7.72 5.78
C LEU B 44 -12.89 7.99 5.20
N ILE B 45 -11.87 8.12 6.05
CA ILE B 45 -10.48 8.22 5.58
C ILE B 45 -10.05 6.91 4.94
N LEU B 46 -10.35 5.78 5.61
CA LEU B 46 -9.97 4.48 5.08
C LEU B 46 -10.61 4.24 3.71
N LYS B 47 -11.87 4.65 3.54
CA LYS B 47 -12.49 4.55 2.23
C LYS B 47 -11.83 5.51 1.24
N LEU B 48 -11.47 6.72 1.70
CA LEU B 48 -10.85 7.69 0.82
C LEU B 48 -9.48 7.21 0.35
N ARG B 49 -8.74 6.53 1.21
CA ARG B 49 -7.48 5.92 0.80
C ARG B 49 -7.72 4.80 -0.21
N GLN B 50 -8.77 4.01 0.00
CA GLN B 50 -9.08 2.93 -0.93
C GLN B 50 -9.51 3.47 -2.28
N HIS B 51 -10.28 4.57 -2.29
CA HIS B 51 -10.58 5.24 -3.54
C HIS B 51 -9.31 5.69 -4.24
N TYR B 52 -8.30 6.13 -3.46
CA TYR B 52 -7.08 6.63 -4.05
C TYR B 52 -6.28 5.51 -4.71
N ARG B 53 -6.16 4.35 -4.04
CA ARG B 53 -5.41 3.24 -4.62
C ARG B 53 -6.18 2.53 -5.72
N GLU B 54 -7.50 2.66 -5.74
CA GLU B 54 -8.26 2.12 -6.87
C GLU B 54 -8.13 3.00 -8.10
N LEU B 55 -8.15 4.33 -7.92
CA LEU B 55 -8.05 5.23 -9.06
C LEU B 55 -6.67 5.16 -9.72
N CYS B 56 -5.62 4.97 -8.92
CA CYS B 56 -4.28 4.87 -9.49
C CYS B 56 -4.10 3.55 -10.24
N GLN B 57 -4.75 2.48 -9.77
CA GLN B 57 -4.64 1.19 -10.44
C GLN B 57 -5.57 1.09 -11.65
N GLN B 58 -6.77 1.64 -11.54
CA GLN B 58 -7.73 1.54 -12.63
C GLN B 58 -7.40 2.45 -13.80
N ARG B 59 -6.71 3.57 -13.53
CA ARG B 59 -6.46 4.57 -14.55
C ARG B 59 -5.01 4.70 -14.95
N GLU B 60 -4.08 4.12 -14.19
CA GLU B 60 -2.67 4.16 -14.56
C GLU B 60 -1.94 2.85 -14.30
N GLY B 61 -2.60 1.83 -13.75
CA GLY B 61 -1.95 0.56 -13.49
C GLY B 61 -0.79 0.66 -12.53
N ILE B 62 -0.82 1.64 -11.62
CA ILE B 62 0.25 1.87 -10.68
C ILE B 62 -0.32 1.90 -9.26
N GLU B 63 0.54 1.64 -8.30
CA GLU B 63 0.16 1.87 -6.93
C GLU B 63 0.45 3.32 -6.56
N PRO B 64 -0.30 3.89 -5.62
CA PRO B 64 -0.04 5.27 -5.21
C PRO B 64 1.36 5.41 -4.63
N PRO B 65 2.06 6.50 -4.95
CA PRO B 65 3.39 6.72 -4.37
C PRO B 65 3.32 6.76 -2.86
N ARG B 66 4.40 6.32 -2.22
CA ARG B 66 4.43 6.21 -0.77
C ARG B 66 4.25 7.58 -0.13
N GLU B 67 3.29 7.67 0.78
CA GLU B 67 2.96 8.88 1.54
C GLU B 67 2.43 10.01 0.68
N SER B 68 2.10 9.75 -0.59
CA SER B 68 1.55 10.81 -1.43
C SER B 68 0.18 11.25 -0.94
N PHE B 69 -0.58 10.36 -0.32
CA PHE B 69 -1.89 10.74 0.22
C PHE B 69 -1.74 11.62 1.45
N ASN B 70 -0.85 11.25 2.37
CA ASN B 70 -0.63 12.07 3.56
C ASN B 70 -0.06 13.43 3.18
N ARG B 71 0.89 13.45 2.24
CA ARG B 71 1.42 14.72 1.74
C ARG B 71 0.34 15.54 1.05
N TRP B 72 -0.63 14.87 0.43
CA TRP B 72 -1.73 15.57 -0.21
C TRP B 72 -2.57 16.34 0.79
N MET B 73 -2.81 15.75 1.97
CA MET B 73 -3.63 16.42 2.98
C MET B 73 -2.90 17.61 3.60
N LEU B 74 -1.58 17.52 3.74
CA LEU B 74 -0.81 18.66 4.21
C LEU B 74 -0.87 19.81 3.20
N GLU B 75 -0.76 19.50 1.93
CA GLU B 75 -0.80 20.53 0.89
C GLU B 75 -2.18 21.17 0.83
N ARG B 76 -3.24 20.35 0.86
CA ARG B 76 -4.59 20.90 0.78
C ARG B 76 -4.88 21.84 1.93
N LYS B 77 -4.38 21.53 3.13
CA LYS B 77 -4.65 22.35 4.29
C LYS B 77 -3.95 23.70 4.24
N VAL B 78 -2.96 23.86 3.36
CA VAL B 78 -2.32 25.16 3.20
C VAL B 78 -3.32 26.17 2.62
N VAL B 79 -4.18 25.71 1.71
CA VAL B 79 -5.11 26.58 0.99
C VAL B 79 -6.56 26.26 1.30
N ASP B 80 -6.85 25.27 2.13
CA ASP B 80 -8.22 24.86 2.39
C ASP B 80 -8.92 25.93 3.23
N LYS B 81 -10.01 26.49 2.69
CA LYS B 81 -10.84 27.44 3.41
C LYS B 81 -12.07 26.77 4.04
N GLY B 82 -12.11 25.45 4.06
CA GLY B 82 -13.25 24.72 4.57
C GLY B 82 -13.27 24.65 6.08
N SER B 83 -14.14 23.75 6.58
CA SER B 83 -14.42 23.66 8.01
C SER B 83 -13.97 22.36 8.65
N ASP B 84 -13.57 21.35 7.87
CA ASP B 84 -13.17 20.10 8.49
C ASP B 84 -11.69 20.18 8.90
N PRO B 85 -11.35 19.71 10.12
CA PRO B 85 -9.97 19.87 10.60
C PRO B 85 -8.96 18.94 9.93
N LEU B 86 -9.40 17.98 9.13
CA LEU B 86 -8.47 17.06 8.50
C LEU B 86 -8.71 16.92 7.00
N LEU B 87 -9.95 16.67 6.60
CA LEU B 87 -10.24 16.48 5.18
C LEU B 87 -10.48 17.84 4.50
N PRO B 88 -9.97 18.02 3.29
CA PRO B 88 -10.22 19.27 2.56
C PRO B 88 -11.64 19.34 2.05
N SER B 89 -12.16 20.56 1.95
CA SER B 89 -13.53 20.76 1.47
C SER B 89 -13.71 21.98 0.56
N ASN B 90 -12.89 23.03 0.68
CA ASN B 90 -13.00 24.20 -0.19
C ASN B 90 -11.59 24.68 -0.51
N CYS B 91 -11.02 24.15 -1.60
CA CYS B 91 -9.66 24.43 -2.00
C CYS B 91 -9.62 25.06 -3.39
N GLU B 92 -8.57 25.83 -3.64
CA GLU B 92 -8.26 26.40 -4.95
C GLU B 92 -6.74 26.34 -5.15
N PRO B 93 -6.25 25.66 -6.19
CA PRO B 93 -7.02 24.96 -7.22
C PRO B 93 -7.56 23.60 -6.77
N VAL B 94 -8.49 23.04 -7.55
CA VAL B 94 -9.02 21.73 -7.25
C VAL B 94 -7.94 20.66 -7.39
N VAL B 95 -7.17 20.72 -8.46
CA VAL B 95 -6.08 19.77 -8.69
C VAL B 95 -4.92 20.14 -7.79
N SER B 96 -4.50 19.20 -6.95
CA SER B 96 -3.40 19.45 -6.03
C SER B 96 -2.07 19.37 -6.77
N PRO B 97 -1.26 20.43 -6.77
CA PRO B 97 0.06 20.33 -7.40
C PRO B 97 0.95 19.29 -6.75
N SER B 98 0.75 19.02 -5.46
CA SER B 98 1.55 18.01 -4.77
C SER B 98 1.21 16.61 -5.27
N MET B 99 -0.07 16.24 -5.22
CA MET B 99 -0.47 14.91 -5.68
C MET B 99 -0.22 14.73 -7.17
N PHE B 100 -0.34 15.80 -7.96
CA PHE B 100 -0.17 15.68 -9.40
C PHE B 100 1.24 15.23 -9.77
N ARG B 101 2.26 15.90 -9.22
CA ARG B 101 3.63 15.60 -9.62
C ARG B 101 4.10 14.27 -9.05
N GLU B 102 3.54 13.83 -7.91
CA GLU B 102 3.93 12.55 -7.35
C GLU B 102 3.37 11.39 -8.16
N ILE B 103 2.13 11.52 -8.63
CA ILE B 103 1.57 10.51 -9.51
C ILE B 103 2.30 10.50 -10.85
N MET B 104 2.55 11.68 -11.42
CA MET B 104 3.21 11.77 -12.71
C MET B 104 4.64 11.23 -12.66
N ASN B 105 5.28 11.30 -11.49
CA ASN B 105 6.65 10.81 -11.37
C ASN B 105 6.73 9.31 -11.55
N ASP B 106 5.66 8.58 -11.23
CA ASP B 106 5.61 7.13 -11.38
C ASP B 106 4.85 6.71 -12.64
N ILE B 107 4.85 7.55 -13.67
CA ILE B 107 4.14 7.29 -14.92
C ILE B 107 5.16 7.38 -16.05
N PRO B 108 5.19 6.43 -16.99
CA PRO B 108 4.26 5.30 -17.14
C PRO B 108 4.54 4.13 -16.21
N ILE B 109 5.69 4.15 -15.54
CA ILE B 109 6.12 3.05 -14.69
C ILE B 109 6.83 3.62 -13.47
N ARG B 110 6.52 3.09 -12.29
CA ARG B 110 7.29 3.44 -11.11
C ARG B 110 8.70 2.90 -11.23
N LEU B 111 9.69 3.77 -11.07
CA LEU B 111 11.10 3.39 -11.23
C LEU B 111 11.67 2.93 -9.89
N SER B 112 12.03 1.66 -9.82
CA SER B 112 12.65 1.08 -8.63
C SER B 112 13.42 -0.20 -8.97
N PHE B 116 22.53 -7.80 -11.16
CA PHE B 116 21.65 -6.63 -11.23
C PHE B 116 21.60 -6.08 -12.66
N ARG B 117 22.55 -6.50 -13.49
CA ARG B 117 22.56 -6.09 -14.88
C ARG B 117 21.27 -6.50 -15.59
N GLU B 118 20.70 -7.65 -15.22
CA GLU B 118 19.44 -8.08 -15.81
C GLU B 118 18.30 -7.16 -15.39
N GLU B 119 18.23 -6.80 -14.11
CA GLU B 119 17.17 -5.90 -13.65
C GLU B 119 17.21 -4.57 -14.38
N ALA B 120 18.41 -3.97 -14.49
CA ALA B 120 18.56 -2.73 -15.24
C ALA B 120 18.08 -2.91 -16.67
N LYS B 121 18.32 -4.08 -17.26
CA LYS B 121 17.84 -4.36 -18.61
C LYS B 121 16.32 -4.49 -18.63
N ARG B 122 15.74 -5.09 -17.58
CA ARG B 122 14.29 -5.24 -17.54
C ARG B 122 13.59 -3.90 -17.31
N LEU B 123 14.15 -3.06 -16.44
CA LEU B 123 13.53 -1.76 -16.18
C LEU B 123 13.61 -0.85 -17.40
N LEU B 124 14.73 -0.91 -18.13
CA LEU B 124 14.85 -0.14 -19.37
C LEU B 124 13.82 -0.61 -20.40
N PHE B 125 13.61 -1.91 -20.47
CA PHE B 125 12.65 -2.44 -21.44
C PHE B 125 11.22 -2.08 -21.05
N LYS B 126 10.83 -2.38 -19.80
CA LYS B 126 9.45 -2.15 -19.37
C LYS B 126 9.08 -0.66 -19.46
N TYR B 127 10.05 0.23 -19.30
CA TYR B 127 9.75 1.66 -19.47
C TYR B 127 9.47 1.99 -20.93
N ALA B 128 10.35 1.55 -21.84
CA ALA B 128 10.18 1.85 -23.25
C ALA B 128 8.87 1.25 -23.79
N GLU B 129 8.46 0.10 -23.26
CA GLU B 129 7.20 -0.49 -23.68
C GLU B 129 6.01 0.30 -23.14
N ALA B 130 6.04 0.63 -21.85
CA ALA B 130 4.95 1.38 -21.25
C ALA B 130 4.87 2.81 -21.80
N ALA B 131 5.99 3.36 -22.25
CA ALA B 131 5.98 4.72 -22.80
C ALA B 131 5.35 4.74 -24.19
N ARG B 132 5.77 3.83 -25.06
CA ARG B 132 5.18 3.75 -26.40
C ARG B 132 3.70 3.40 -26.33
N ARG B 133 3.34 2.50 -25.41
CA ARG B 133 1.93 2.13 -25.26
C ARG B 133 1.09 3.32 -24.81
N LEU B 134 1.60 4.12 -23.88
CA LEU B 134 0.81 5.20 -23.29
C LEU B 134 0.46 6.28 -24.30
N ILE B 135 1.34 6.54 -25.26
CA ILE B 135 1.10 7.62 -26.22
C ILE B 135 0.25 7.16 -27.39
N GLU B 136 0.41 5.89 -27.83
CA GLU B 136 -0.47 5.38 -28.88
C GLU B 136 -1.87 5.10 -28.36
N SER B 137 -2.04 4.98 -27.04
CA SER B 137 -3.35 4.72 -26.45
C SER B 137 -4.11 5.99 -26.14
N ARG B 138 -3.44 7.00 -25.57
CA ARG B 138 -4.08 8.26 -25.22
C ARG B 138 -3.68 9.32 -26.23
N SER B 139 -4.67 10.07 -26.71
CA SER B 139 -4.46 10.99 -27.82
C SER B 139 -3.44 12.07 -27.47
N ALA B 140 -2.62 12.42 -28.46
CA ALA B 140 -1.62 13.46 -28.31
C ALA B 140 -1.27 14.00 -29.69
N SER B 141 -0.44 15.03 -29.71
CA SER B 141 0.02 15.57 -30.98
C SER B 141 0.95 14.58 -31.66
N PRO B 142 0.72 14.23 -32.92
CA PRO B 142 1.61 13.26 -33.60
C PRO B 142 3.06 13.70 -33.68
N ASP B 143 3.35 14.99 -33.47
CA ASP B 143 4.73 15.45 -33.43
C ASP B 143 5.41 15.00 -32.14
N SER B 144 4.79 15.30 -30.99
CA SER B 144 5.31 14.83 -29.71
C SER B 144 5.34 13.31 -29.65
N ARG B 145 4.36 12.67 -30.27
CA ARG B 145 4.29 11.21 -30.29
C ARG B 145 5.47 10.59 -31.03
N LYS B 146 5.97 11.26 -32.08
CA LYS B 146 7.03 10.68 -32.89
C LYS B 146 8.37 10.65 -32.16
N VAL B 147 8.63 11.66 -31.31
CA VAL B 147 9.90 11.71 -30.60
C VAL B 147 10.05 10.49 -29.69
N VAL B 148 8.98 10.10 -29.02
CA VAL B 148 9.03 8.94 -28.13
C VAL B 148 8.99 7.65 -28.95
N LYS B 149 8.13 7.60 -29.96
CA LYS B 149 7.98 6.38 -30.76
C LYS B 149 9.30 5.99 -31.41
N TRP B 150 10.14 6.96 -31.77
CA TRP B 150 11.42 6.64 -32.38
C TRP B 150 12.56 6.53 -31.38
N ASN B 151 12.49 7.27 -30.26
CA ASN B 151 13.45 7.04 -29.18
C ASN B 151 13.29 5.65 -28.59
N VAL B 152 12.07 5.10 -28.66
CA VAL B 152 11.83 3.76 -28.11
C VAL B 152 12.35 2.68 -29.06
N GLU B 153 12.23 2.90 -30.36
CA GLU B 153 12.77 1.93 -31.31
C GLU B 153 14.29 1.84 -31.21
N ASP B 154 14.94 2.99 -30.98
CA ASP B 154 16.40 3.00 -30.89
C ASP B 154 16.88 2.18 -29.69
N THR B 155 16.23 2.33 -28.53
CA THR B 155 16.63 1.58 -27.36
C THR B 155 16.20 0.12 -27.43
N PHE B 156 15.20 -0.19 -28.26
CA PHE B 156 14.85 -1.59 -28.51
C PHE B 156 15.89 -2.25 -29.40
N SER B 157 16.24 -1.60 -30.51
CA SER B 157 17.24 -2.16 -31.42
C SER B 157 18.61 -2.23 -30.78
N TRP B 158 18.91 -1.32 -29.84
CA TRP B 158 20.20 -1.36 -29.16
C TRP B 158 20.32 -2.56 -28.24
N LEU B 159 19.19 -3.04 -27.70
CA LEU B 159 19.21 -4.25 -26.88
C LEU B 159 19.40 -5.51 -27.71
N ARG B 160 18.90 -5.53 -28.94
CA ARG B 160 19.05 -6.70 -29.80
C ARG B 160 20.44 -6.75 -30.43
N LYS B 161 20.90 -5.62 -30.98
CA LYS B 161 22.15 -5.56 -31.73
C LYS B 161 23.38 -5.39 -30.84
N ASP B 162 23.29 -5.70 -29.55
CA ASP B 162 24.43 -5.58 -28.66
C ASP B 162 24.23 -6.49 -27.46
N HIS B 163 25.22 -7.34 -27.19
CA HIS B 163 25.19 -8.24 -26.05
C HIS B 163 26.29 -7.93 -25.04
N SER B 164 27.08 -6.90 -25.27
CA SER B 164 28.19 -6.53 -24.38
C SER B 164 27.84 -5.40 -23.43
N ALA B 165 26.64 -4.82 -23.54
CA ALA B 165 26.25 -3.73 -22.67
C ALA B 165 26.14 -4.21 -21.23
N SER B 166 26.78 -3.49 -20.31
CA SER B 166 26.84 -3.88 -18.91
C SER B 166 25.72 -3.19 -18.14
N LYS B 167 25.80 -3.25 -16.81
CA LYS B 167 24.76 -2.67 -15.96
C LYS B 167 24.82 -1.14 -16.00
N GLU B 168 26.02 -0.58 -16.08
CA GLU B 168 26.17 0.87 -16.11
C GLU B 168 25.64 1.46 -17.42
N ASP B 169 25.71 0.71 -18.52
CA ASP B 169 25.22 1.18 -19.80
C ASP B 169 23.70 1.17 -19.89
N TYR B 170 23.04 0.29 -19.14
CA TYR B 170 21.58 0.22 -19.20
C TYR B 170 20.94 1.38 -18.48
N MET B 171 21.52 1.82 -17.35
CA MET B 171 20.93 2.92 -16.60
C MET B 171 21.14 4.24 -17.32
N ASP B 172 22.29 4.42 -17.97
CA ASP B 172 22.52 5.65 -18.73
C ASP B 172 21.54 5.74 -19.90
N ARG B 173 21.27 4.61 -20.57
CA ARG B 173 20.27 4.61 -21.63
C ARG B 173 18.87 4.87 -21.09
N LEU B 174 18.61 4.46 -19.84
CA LEU B 174 17.30 4.70 -19.24
C LEU B 174 17.07 6.18 -19.02
N GLU B 175 17.99 6.86 -18.34
CA GLU B 175 17.84 8.29 -18.08
C GLU B 175 17.75 9.07 -19.38
N HIS B 176 18.61 8.75 -20.36
CA HIS B 176 18.50 9.38 -21.67
C HIS B 176 17.12 9.16 -22.27
N LEU B 177 16.63 7.93 -22.18
CA LEU B 177 15.27 7.64 -22.64
C LEU B 177 14.24 8.36 -21.79
N ARG B 178 14.50 8.49 -20.48
CA ARG B 178 13.56 9.16 -19.59
C ARG B 178 13.45 10.65 -19.92
N ARG B 179 14.57 11.30 -20.23
CA ARG B 179 14.55 12.73 -20.49
C ARG B 179 13.83 13.05 -21.78
N GLN B 180 14.08 12.29 -22.84
CA GLN B 180 13.43 12.56 -24.12
C GLN B 180 11.92 12.34 -24.04
N CYS B 181 11.51 11.28 -23.34
CA CYS B 181 10.10 10.90 -23.26
C CYS B 181 9.35 11.59 -22.13
N GLY B 182 10.04 12.05 -21.10
CA GLY B 182 9.43 12.65 -19.93
C GLY B 182 8.35 13.67 -20.22
N PRO B 183 8.72 14.80 -20.84
CA PRO B 183 7.73 15.86 -21.09
C PRO B 183 6.63 15.46 -22.05
N HIS B 184 6.85 14.43 -22.88
CA HIS B 184 5.87 14.03 -23.87
C HIS B 184 4.79 13.10 -23.31
N VAL B 185 5.18 12.14 -22.46
CA VAL B 185 4.18 11.29 -21.82
C VAL B 185 3.46 12.06 -20.71
N SER B 186 4.04 13.15 -20.22
CA SER B 186 3.37 13.95 -19.20
C SER B 186 2.17 14.69 -19.77
N ALA B 187 2.27 15.14 -21.03
CA ALA B 187 1.14 15.82 -21.66
C ALA B 187 0.02 14.85 -21.99
N ALA B 188 0.36 13.62 -22.34
CA ALA B 188 -0.67 12.63 -22.68
C ALA B 188 -1.46 12.21 -21.45
N ALA B 189 -0.77 11.96 -20.34
CA ALA B 189 -1.41 11.52 -19.10
C ALA B 189 -1.84 12.67 -18.21
N LYS B 190 -1.72 13.92 -18.67
CA LYS B 190 -2.10 15.06 -17.84
C LYS B 190 -3.59 15.03 -17.51
N ASP B 191 -4.44 14.67 -18.48
CA ASP B 191 -5.87 14.63 -18.23
C ASP B 191 -6.23 13.55 -17.23
N SER B 192 -5.57 12.39 -17.31
CA SER B 192 -5.89 11.28 -16.42
C SER B 192 -5.45 11.58 -14.99
N VAL B 193 -4.25 12.16 -14.82
CA VAL B 193 -3.76 12.44 -13.48
C VAL B 193 -4.56 13.56 -12.84
N GLU B 194 -4.89 14.59 -13.60
CA GLU B 194 -5.75 15.65 -13.07
C GLU B 194 -7.13 15.10 -12.69
N GLY B 195 -7.62 14.10 -13.42
CA GLY B 195 -8.87 13.47 -13.04
C GLY B 195 -8.76 12.75 -11.70
N ILE B 196 -7.61 12.15 -11.42
CA ILE B 196 -7.41 11.48 -10.15
C ILE B 196 -7.37 12.51 -9.02
N CYS B 197 -6.60 13.59 -9.20
CA CYS B 197 -6.53 14.64 -8.19
C CYS B 197 -7.89 15.30 -7.98
N SER B 198 -8.68 15.44 -9.04
CA SER B 198 -9.98 16.09 -8.92
C SER B 198 -11.02 15.17 -8.29
N LYS B 199 -11.03 13.90 -8.68
CA LYS B 199 -12.02 12.96 -8.14
C LYS B 199 -11.82 12.74 -6.64
N ILE B 200 -10.56 12.64 -6.21
CA ILE B 200 -10.28 12.44 -4.78
C ILE B 200 -10.72 13.66 -3.98
N TYR B 201 -10.51 14.86 -4.53
CA TYR B 201 -10.93 16.07 -3.83
C TYR B 201 -12.45 16.15 -3.72
N HIS B 202 -13.17 15.74 -4.77
CA HIS B 202 -14.63 15.80 -4.74
C HIS B 202 -15.21 14.74 -3.82
N ILE B 203 -14.62 13.54 -3.79
CA ILE B 203 -15.06 12.52 -2.85
C ILE B 203 -14.80 12.99 -1.42
N SER B 204 -13.67 13.67 -1.20
CA SER B 204 -13.39 14.24 0.12
C SER B 204 -14.43 15.29 0.50
N LEU B 205 -14.80 16.15 -0.45
CA LEU B 205 -15.87 17.11 -0.19
C LEU B 205 -17.16 16.40 0.17
N GLU B 206 -17.43 15.26 -0.46
CA GLU B 206 -18.64 14.49 -0.14
C GLU B 206 -18.58 13.94 1.27
N TYR B 207 -17.39 13.52 1.73
CA TYR B 207 -17.25 12.96 3.06
C TYR B 207 -17.28 14.03 4.15
N VAL B 208 -16.76 15.23 3.86
CA VAL B 208 -16.76 16.29 4.86
C VAL B 208 -18.18 16.62 5.28
N LYS B 209 -19.10 16.72 4.30
CA LYS B 209 -20.48 17.07 4.62
C LYS B 209 -21.20 15.91 5.30
N ARG B 210 -20.85 14.67 4.97
CA ARG B 210 -21.39 13.54 5.73
C ARG B 210 -20.89 13.55 7.16
N ILE B 211 -19.63 13.94 7.36
CA ILE B 211 -19.10 14.10 8.71
C ILE B 211 -19.82 15.22 9.44
N ARG B 212 -20.00 16.35 8.75
CA ARG B 212 -20.60 17.53 9.39
C ARG B 212 -22.06 17.29 9.75
N GLU B 213 -22.80 16.61 8.88
CA GLU B 213 -24.20 16.32 9.18
C GLU B 213 -24.33 15.42 10.39
N LYS B 214 -23.45 14.42 10.51
CA LYS B 214 -23.43 13.59 11.71
C LYS B 214 -23.04 14.41 12.94
N HIS B 215 -22.14 15.37 12.77
CA HIS B 215 -21.71 16.20 13.90
C HIS B 215 -22.82 17.16 14.32
N LEU B 216 -23.44 17.83 13.35
CA LEU B 216 -24.55 18.73 13.67
C LEU B 216 -25.73 17.98 14.27
N ALA B 217 -25.89 16.71 13.90
CA ALA B 217 -26.96 15.90 14.49
C ALA B 217 -26.69 15.62 15.96
N ILE B 218 -25.43 15.40 16.33
CA ILE B 218 -25.09 15.14 17.72
C ILE B 218 -25.15 16.42 18.54
N LEU B 219 -24.82 17.56 17.93
CA LEU B 219 -24.91 18.83 18.66
C LEU B 219 -26.36 19.20 18.97
N LYS B 220 -27.25 19.06 17.98
CA LYS B 220 -28.67 19.31 18.24
C LYS B 220 -29.24 18.25 19.18
N GLU B 221 -28.71 17.03 19.14
CA GLU B 221 -29.15 15.99 20.07
C GLU B 221 -28.95 16.43 21.52
N ASN B 222 -27.81 17.05 21.82
CA ASN B 222 -27.51 17.54 23.15
C ASN B 222 -27.96 18.98 23.36
N ASN B 223 -28.87 19.47 22.51
CA ASN B 223 -29.43 20.82 22.64
C ASN B 223 -28.35 21.88 22.59
N ILE B 224 -27.40 21.72 21.67
CA ILE B 224 -26.30 22.66 21.48
C ILE B 224 -26.47 23.31 20.12
N SER B 225 -26.36 24.64 20.08
CA SER B 225 -26.51 25.40 18.84
C SER B 225 -25.15 25.79 18.27
N GLU B 226 -25.18 26.38 17.08
CA GLU B 226 -23.99 26.79 16.35
C GLU B 226 -24.07 28.29 16.09
N GLU B 227 -24.02 29.08 17.16
CA GLU B 227 -24.13 30.53 17.08
C GLU B 227 -22.89 31.18 17.66
N VAL B 228 -22.80 32.50 17.46
CA VAL B 228 -21.68 33.30 17.96
C VAL B 228 -22.13 33.94 19.28
N GLU B 229 -21.43 33.59 20.36
CA GLU B 229 -21.82 34.05 21.69
C GLU B 229 -21.56 35.55 21.87
N ALA B 230 -20.29 35.92 22.00
CA ALA B 230 -19.93 37.33 22.22
C ALA B 230 -18.59 37.60 21.57
N PRO B 231 -18.59 38.01 20.29
CA PRO B 231 -17.32 38.36 19.62
C PRO B 231 -16.79 39.74 19.99
N GLU B 232 -17.45 40.46 20.89
CA GLU B 232 -17.00 41.78 21.32
C GLU B 232 -15.77 41.63 22.19
N VAL B 233 -14.59 41.79 21.59
CA VAL B 233 -13.32 41.61 22.27
C VAL B 233 -12.67 42.97 22.46
N GLU B 234 -12.04 43.16 23.62
CA GLU B 234 -11.22 44.33 23.86
C GLU B 234 -9.87 44.12 23.18
N PRO B 235 -9.54 44.91 22.15
CA PRO B 235 -8.28 44.70 21.45
C PRO B 235 -7.08 44.90 22.36
N ARG B 236 -6.21 43.90 22.41
CA ARG B 236 -5.08 43.91 23.34
C ARG B 236 -4.06 42.86 22.88
N LEU B 237 -2.83 43.04 23.36
CA LEU B 237 -1.74 42.12 23.08
C LEU B 237 -1.49 41.27 24.33
N VAL B 238 -1.60 39.95 24.18
CA VAL B 238 -1.48 39.04 25.30
C VAL B 238 -0.49 37.94 24.95
N TYR B 239 0.01 37.26 25.97
CA TYR B 239 0.79 36.05 25.76
C TYR B 239 -0.10 34.94 25.25
N CYS B 240 0.46 34.08 24.41
CA CYS B 240 -0.34 33.12 23.68
C CYS B 240 -1.02 32.14 24.63
N TYR B 241 -2.13 31.58 24.16
CA TYR B 241 -2.94 30.63 24.91
C TYR B 241 -3.44 29.58 23.93
N PRO B 242 -3.80 28.39 24.43
CA PRO B 242 -4.29 27.33 23.53
C PRO B 242 -5.50 27.79 22.73
N VAL B 243 -5.59 27.29 21.49
CA VAL B 243 -6.69 27.65 20.61
C VAL B 243 -7.99 27.15 21.22
N ARG B 244 -8.98 28.03 21.30
CA ARG B 244 -10.27 27.72 21.86
C ARG B 244 -11.28 27.44 20.75
N LEU B 245 -12.36 26.77 21.11
CA LEU B 245 -13.41 26.40 20.16
C LEU B 245 -14.70 27.13 20.55
N ALA B 246 -15.38 27.70 19.55
CA ALA B 246 -16.51 28.57 19.81
C ALA B 246 -17.70 27.80 20.39
N VAL B 247 -18.12 26.74 19.70
CA VAL B 247 -19.27 25.96 20.15
C VAL B 247 -18.90 25.19 21.40
N SER B 248 -19.83 25.19 22.37
CA SER B 248 -19.57 24.45 23.62
C SER B 248 -19.50 22.95 23.35
N ALA B 249 -18.70 22.27 24.16
CA ALA B 249 -18.59 20.84 23.93
C ALA B 249 -19.70 20.08 24.67
N PRO B 250 -20.30 19.09 24.02
CA PRO B 250 -21.37 18.33 24.66
C PRO B 250 -20.79 17.27 25.58
N PRO B 251 -21.62 16.65 26.41
CA PRO B 251 -21.12 15.52 27.23
C PRO B 251 -20.65 14.37 26.34
N MET B 252 -19.60 13.71 26.77
CA MET B 252 -18.99 12.66 25.97
C MET B 252 -19.50 11.29 26.40
N PRO B 253 -19.54 10.33 25.48
CA PRO B 253 -19.94 8.97 25.85
C PRO B 253 -18.90 8.32 26.75
N SER B 254 -19.31 7.20 27.37
CA SER B 254 -18.41 6.46 28.23
C SER B 254 -17.31 5.80 27.41
N VAL B 255 -16.15 5.60 28.04
CA VAL B 255 -14.98 5.06 27.36
C VAL B 255 -14.19 4.23 28.36
N GLU B 256 -13.80 3.01 27.98
CA GLU B 256 -13.05 2.13 28.85
C GLU B 256 -11.56 2.23 28.56
N MET B 257 -10.77 2.08 29.61
CA MET B 257 -9.32 2.21 29.51
C MET B 257 -8.66 1.24 30.47
N HIS B 258 -7.61 0.56 30.00
CA HIS B 258 -6.83 -0.33 30.83
C HIS B 258 -5.36 -0.17 30.47
N MET B 259 -4.49 -0.32 31.47
CA MET B 259 -3.05 -0.25 31.27
C MET B 259 -2.45 -1.63 31.48
N GLU B 260 -1.62 -2.05 30.52
CA GLU B 260 -1.00 -3.37 30.56
C GLU B 260 0.46 -3.23 30.17
N ASN B 261 1.36 -3.55 31.12
CA ASN B 261 2.80 -3.44 30.91
C ASN B 261 3.20 -2.03 30.47
N ASN B 262 2.77 -1.04 31.27
CA ASN B 262 3.12 0.36 31.06
C ASN B 262 2.66 0.87 29.69
N VAL B 263 1.54 0.33 29.19
CA VAL B 263 0.94 0.77 27.94
C VAL B 263 -0.55 0.98 28.20
N VAL B 264 -1.03 2.20 27.95
CA VAL B 264 -2.42 2.54 28.17
C VAL B 264 -3.23 2.20 26.93
N CYS B 265 -4.30 1.43 27.12
CA CYS B 265 -5.19 1.02 26.03
C CYS B 265 -6.57 1.62 26.29
N ILE B 266 -7.03 2.43 25.34
CA ILE B 266 -8.31 3.14 25.46
C ILE B 266 -9.23 2.65 24.36
N ARG B 267 -10.43 2.20 24.74
CA ARG B 267 -11.37 1.62 23.81
C ARG B 267 -12.68 2.39 23.81
N TYR B 268 -13.23 2.62 22.62
CA TYR B 268 -14.58 3.14 22.43
C TYR B 268 -15.24 2.34 21.32
N LYS B 269 -16.26 1.57 21.67
CA LYS B 269 -17.01 0.76 20.70
C LYS B 269 -16.10 -0.19 19.94
N GLY B 270 -15.24 -0.89 20.68
CA GLY B 270 -14.34 -1.86 20.10
C GLY B 270 -13.14 -1.28 19.39
N GLU B 271 -13.05 0.03 19.22
CA GLU B 271 -11.90 0.67 18.62
C GLU B 271 -10.90 1.03 19.71
N MET B 272 -9.70 0.47 19.64
CA MET B 272 -8.68 0.67 20.66
C MET B 272 -7.56 1.56 20.14
N VAL B 273 -7.12 2.49 20.97
CA VAL B 273 -5.94 3.30 20.72
C VAL B 273 -4.96 3.04 21.85
N LYS B 274 -3.67 3.05 21.54
CA LYS B 274 -2.62 2.76 22.51
C LYS B 274 -1.68 3.94 22.66
N VAL B 275 -1.15 4.09 23.87
CA VAL B 275 -0.19 5.14 24.18
C VAL B 275 0.62 4.68 25.39
N SER B 276 1.93 4.92 25.34
CA SER B 276 2.79 4.52 26.44
C SER B 276 2.43 5.27 27.71
N ARG B 277 2.87 4.71 28.85
CA ARG B 277 2.46 5.23 30.14
C ARG B 277 2.98 6.65 30.36
N ASN B 278 4.26 6.89 30.05
CA ASN B 278 4.85 8.20 30.29
C ASN B 278 4.23 9.26 29.38
N TYR B 279 3.90 8.89 28.14
CA TYR B 279 3.24 9.84 27.24
C TYR B 279 1.78 10.04 27.65
N PHE B 280 1.14 9.00 28.20
CA PHE B 280 -0.18 9.19 28.78
C PHE B 280 -0.12 10.13 29.98
N SER B 281 0.89 9.96 30.83
CA SER B 281 1.08 10.88 31.95
C SER B 281 1.42 12.29 31.44
N LYS B 282 2.04 12.40 30.27
CA LYS B 282 2.34 13.71 29.71
C LYS B 282 1.07 14.41 29.24
N LEU B 283 0.19 13.68 28.53
CA LEU B 283 -1.05 14.28 28.08
C LEU B 283 -1.91 14.76 29.24
N TRP B 284 -1.81 14.09 30.39
CA TRP B 284 -2.53 14.55 31.57
C TRP B 284 -2.05 15.92 32.01
N LEU B 285 -0.72 16.13 32.00
CA LEU B 285 -0.17 17.44 32.36
C LEU B 285 -0.57 18.50 31.34
N LEU B 286 -0.46 18.17 30.05
CA LEU B 286 -0.87 19.13 29.02
C LEU B 286 -2.34 19.47 29.13
N TYR B 287 -3.18 18.48 29.46
CA TYR B 287 -4.61 18.74 29.62
C TYR B 287 -4.87 19.65 30.80
N ARG B 288 -4.18 19.43 31.92
CA ARG B 288 -4.34 20.30 33.08
C ARG B 288 -3.82 21.70 32.80
N TYR B 289 -2.71 21.81 32.07
CA TYR B 289 -2.14 23.12 31.75
C TYR B 289 -3.00 23.92 30.78
N SER B 290 -3.85 23.24 29.99
CA SER B 290 -4.43 23.88 28.82
C SER B 290 -5.94 23.87 28.79
N CYS B 291 -6.59 22.83 29.28
CA CYS B 291 -8.04 22.72 29.18
C CYS B 291 -8.71 23.55 30.27
N ILE B 292 -9.68 24.38 29.86
CA ILE B 292 -10.38 25.26 30.79
C ILE B 292 -11.89 25.01 30.82
N ASP B 293 -12.44 24.25 29.88
CA ASP B 293 -13.87 23.98 29.85
C ASP B 293 -14.24 22.67 30.53
N ASP B 294 -13.28 21.99 31.13
CA ASP B 294 -13.51 20.74 31.84
C ASP B 294 -13.37 21.03 33.34
N SER B 295 -14.50 21.08 34.03
CA SER B 295 -14.52 21.42 35.46
C SER B 295 -13.66 20.48 36.27
N ALA B 296 -14.13 19.24 36.47
CA ALA B 296 -13.36 18.22 37.17
C ALA B 296 -12.47 17.41 36.24
N PHE B 297 -12.19 17.93 35.05
CA PHE B 297 -11.40 17.23 34.04
C PHE B 297 -12.01 15.85 33.75
N GLU B 298 -13.32 15.87 33.51
CA GLU B 298 -14.11 14.64 33.34
C GLU B 298 -14.12 14.13 31.90
N ARG B 299 -13.82 14.98 30.92
CA ARG B 299 -13.78 14.57 29.53
C ARG B 299 -12.37 14.32 29.03
N PHE B 300 -11.44 14.04 29.95
CA PHE B 300 -10.05 13.80 29.56
C PHE B 300 -9.91 12.51 28.76
N LEU B 301 -10.37 11.39 29.32
CA LEU B 301 -10.24 10.11 28.63
C LEU B 301 -10.86 10.08 27.25
N PRO B 302 -12.12 10.53 27.04
CA PRO B 302 -12.67 10.48 25.68
C PRO B 302 -11.98 11.45 24.72
N ARG B 303 -11.44 12.55 25.22
CA ARG B 303 -10.70 13.47 24.37
C ARG B 303 -9.30 12.95 24.05
N VAL B 304 -8.73 12.13 24.94
CA VAL B 304 -7.49 11.44 24.61
C VAL B 304 -7.74 10.38 23.55
N TRP B 305 -8.90 9.72 23.60
CA TRP B 305 -9.24 8.76 22.56
C TRP B 305 -9.35 9.43 21.20
N CYS B 306 -10.08 10.53 21.12
CA CYS B 306 -10.18 11.27 19.86
C CYS B 306 -8.81 11.77 19.39
N LEU B 307 -7.94 12.16 20.34
CA LEU B 307 -6.61 12.63 19.97
C LEU B 307 -5.80 11.53 19.31
N LEU B 308 -5.68 10.38 19.97
CA LEU B 308 -4.93 9.27 19.39
C LEU B 308 -5.61 8.73 18.14
N ARG B 309 -6.95 8.71 18.13
CA ARG B 309 -7.67 8.25 16.95
C ARG B 309 -7.45 9.19 15.76
N ARG B 310 -7.30 10.49 16.02
CA ARG B 310 -7.05 11.44 14.94
C ARG B 310 -5.69 11.20 14.30
N TYR B 311 -4.65 11.06 15.12
CA TYR B 311 -3.31 10.85 14.59
C TYR B 311 -3.11 9.44 14.04
N GLN B 312 -4.01 8.50 14.36
CA GLN B 312 -3.99 7.22 13.66
C GLN B 312 -4.48 7.37 12.22
N MET B 313 -5.53 8.17 12.00
CA MET B 313 -6.00 8.43 10.65
C MET B 313 -4.98 9.21 9.84
N MET B 314 -4.31 10.18 10.49
CA MET B 314 -3.23 10.91 9.84
C MET B 314 -2.09 9.99 9.43
N PHE B 315 -2.01 8.79 10.00
CA PHE B 315 -0.95 7.83 9.72
C PHE B 315 0.42 8.45 10.00
N GLN B 326 8.38 14.16 9.78
CA GLN B 326 9.52 13.34 10.18
C GLN B 326 9.60 13.21 11.70
N GLY B 327 10.82 13.27 12.23
CA GLY B 327 11.04 13.12 13.65
C GLY B 327 11.33 14.44 14.35
N SER B 328 11.46 14.34 15.67
CA SER B 328 11.65 15.50 16.54
C SER B 328 13.12 15.73 16.85
N LEU B 329 13.44 16.95 17.26
CA LEU B 329 14.78 17.26 17.68
C LEU B 329 15.10 16.58 19.01
N PRO B 330 16.37 16.26 19.26
CA PRO B 330 16.74 15.65 20.54
C PRO B 330 16.44 16.58 21.71
N VAL B 331 16.23 15.96 22.88
CA VAL B 331 15.87 16.71 24.08
C VAL B 331 16.97 17.71 24.45
N HIS B 332 18.23 17.26 24.39
CA HIS B 332 19.33 18.14 24.74
C HIS B 332 19.45 19.32 23.76
N VAL B 333 19.00 19.13 22.53
CA VAL B 333 19.02 20.23 21.57
C VAL B 333 17.95 21.26 21.91
N PHE B 334 16.80 20.79 22.40
CA PHE B 334 15.76 21.72 22.82
C PHE B 334 16.17 22.52 24.05
N GLU B 335 16.90 21.89 24.98
CA GLU B 335 17.36 22.60 26.16
C GLU B 335 18.32 23.72 25.78
N ALA B 336 19.16 23.48 24.77
CA ALA B 336 20.10 24.52 24.34
C ALA B 336 19.37 25.66 23.63
N LEU B 337 18.36 25.33 22.82
CA LEU B 337 17.60 26.39 22.14
C LEU B 337 16.89 27.29 23.13
N HIS B 338 16.39 26.72 24.23
CA HIS B 338 15.74 27.53 25.25
C HIS B 338 16.76 28.28 26.11
N ARG B 339 17.88 27.63 26.44
CA ARG B 339 18.85 28.24 27.35
C ARG B 339 19.62 29.36 26.66
N LEU B 340 19.94 29.19 25.38
CA LEU B 340 20.76 30.15 24.65
C LEU B 340 19.95 31.15 23.83
N PHE B 341 18.88 30.70 23.17
CA PHE B 341 18.11 31.55 22.28
C PHE B 341 16.69 31.79 22.78
N GLY B 342 16.40 31.42 24.02
CA GLY B 342 15.09 31.71 24.59
C GLY B 342 13.93 31.02 23.90
N VAL B 343 14.17 29.93 23.19
CA VAL B 343 13.11 29.25 22.48
C VAL B 343 12.11 28.69 23.49
N SER B 344 10.83 28.95 23.26
CA SER B 344 9.80 28.44 24.15
C SER B 344 8.60 27.87 23.38
N PHE B 345 8.72 27.65 22.08
CA PHE B 345 7.55 27.37 21.26
C PHE B 345 7.98 26.60 20.01
N GLU B 346 7.18 25.61 19.64
CA GLU B 346 7.40 24.83 18.42
C GLU B 346 6.33 25.21 17.41
N CYS B 347 6.75 25.67 16.23
CA CYS B 347 5.77 26.07 15.23
C CYS B 347 5.12 24.87 14.54
N PHE B 348 5.76 23.70 14.60
CA PHE B 348 5.22 22.49 13.99
C PHE B 348 5.44 21.35 14.95
N ALA B 349 4.36 20.87 15.57
CA ALA B 349 4.46 19.85 16.60
C ALA B 349 3.12 19.12 16.71
N SER B 350 2.97 18.38 17.80
CA SER B 350 1.73 17.70 18.14
C SER B 350 1.76 17.42 19.63
N PRO B 351 0.59 17.17 20.25
CA PRO B 351 0.59 16.81 21.67
C PRO B 351 1.45 15.59 21.99
N LEU B 352 1.74 14.75 21.00
CA LEU B 352 2.53 13.54 21.22
C LEU B 352 4.03 13.77 21.07
N ASN B 353 4.46 14.79 20.32
CA ASN B 353 5.88 15.03 20.12
C ASN B 353 6.36 16.38 20.61
N CYS B 354 5.48 17.21 21.17
CA CYS B 354 5.86 18.55 21.57
C CYS B 354 6.81 18.51 22.76
N TYR B 355 7.79 19.40 22.74
CA TYR B 355 8.70 19.56 23.87
C TYR B 355 8.22 20.60 24.87
N PHE B 356 7.56 21.65 24.38
CA PHE B 356 7.00 22.69 25.24
C PHE B 356 5.50 22.48 25.41
N ARG B 357 4.95 23.18 26.41
CA ARG B 357 3.50 23.13 26.61
C ARG B 357 2.74 24.10 25.73
N GLN B 358 3.45 24.88 24.91
CA GLN B 358 2.83 25.73 23.90
C GLN B 358 3.48 25.43 22.56
N TYR B 359 2.66 25.28 21.53
CA TYR B 359 3.12 24.83 20.22
C TYR B 359 1.97 25.01 19.24
N CYS B 360 2.26 24.75 17.97
CA CYS B 360 1.26 24.69 16.92
C CYS B 360 1.18 23.27 16.39
N SER B 361 -0.03 22.82 16.08
CA SER B 361 -0.26 21.50 15.52
C SER B 361 -1.32 21.59 14.43
N ALA B 362 -1.51 20.48 13.71
CA ALA B 362 -2.39 20.46 12.55
C ALA B 362 -3.87 20.52 12.90
N PHE B 363 -4.25 20.10 14.10
CA PHE B 363 -5.68 19.94 14.44
C PHE B 363 -6.04 20.76 15.66
N PRO B 364 -6.77 21.87 15.52
CA PRO B 364 -7.11 22.68 16.69
C PRO B 364 -8.23 22.10 17.53
N ASP B 365 -9.02 21.17 17.00
CA ASP B 365 -10.14 20.65 17.77
C ASP B 365 -9.70 19.60 18.79
N THR B 366 -8.81 18.69 18.40
CA THR B 366 -8.35 17.65 19.30
C THR B 366 -7.13 18.06 20.11
N ASP B 367 -6.29 18.95 19.57
CA ASP B 367 -5.03 19.29 20.21
C ASP B 367 -5.09 20.55 21.06
N GLY B 368 -6.11 21.40 20.86
CA GLY B 368 -6.20 22.62 21.66
C GLY B 368 -6.33 22.34 23.14
N TYR B 369 -7.03 21.26 23.50
CA TYR B 369 -7.17 20.88 24.91
C TYR B 369 -5.85 20.44 25.52
N PHE B 370 -4.83 20.16 24.71
CA PHE B 370 -3.54 19.70 25.20
C PHE B 370 -2.43 20.71 24.97
N GLY B 371 -2.78 21.96 24.66
CA GLY B 371 -1.82 23.04 24.57
C GLY B 371 -1.54 23.57 23.19
N SER B 372 -2.15 23.03 22.15
CA SER B 372 -1.89 23.50 20.80
C SER B 372 -2.45 24.90 20.59
N ARG B 373 -1.73 25.70 19.80
CA ARG B 373 -2.19 27.02 19.41
C ARG B 373 -2.83 27.00 18.02
N GLY B 374 -3.23 25.83 17.54
CA GLY B 374 -3.82 25.71 16.23
C GLY B 374 -2.77 25.55 15.14
N PRO B 375 -3.21 25.50 13.89
CA PRO B 375 -2.26 25.42 12.77
C PRO B 375 -1.35 26.65 12.72
N CYS B 376 -0.10 26.41 12.29
CA CYS B 376 0.91 27.46 12.32
C CYS B 376 0.53 28.65 11.46
N LEU B 377 0.01 28.40 10.26
CA LEU B 377 -0.31 29.50 9.36
C LEU B 377 -1.41 30.40 9.92
N ASP B 378 -2.27 29.86 10.77
CA ASP B 378 -3.31 30.64 11.43
C ASP B 378 -2.84 31.25 12.75
N PHE B 379 -1.54 31.24 13.01
CA PHE B 379 -0.96 31.77 14.25
C PHE B 379 0.00 32.88 13.89
N ALA B 380 -0.31 34.11 14.31
CA ALA B 380 0.42 35.31 13.90
C ALA B 380 1.03 35.98 15.13
N PRO B 381 2.15 35.45 15.63
CA PRO B 381 2.75 36.05 16.84
C PRO B 381 3.45 37.36 16.55
N LEU B 382 3.39 38.26 17.52
CA LEU B 382 4.07 39.55 17.43
C LEU B 382 5.38 39.57 18.20
N SER B 383 5.69 38.52 18.96
CA SER B 383 6.94 38.45 19.70
C SER B 383 7.18 36.99 20.09
N GLY B 384 8.42 36.71 20.47
CA GLY B 384 8.75 35.38 20.93
C GLY B 384 9.89 34.72 20.16
N SER B 385 10.49 33.69 20.77
CA SER B 385 11.56 32.92 20.15
C SER B 385 11.02 31.55 19.80
N PHE B 386 11.06 31.20 18.51
CA PHE B 386 10.36 30.03 18.00
C PHE B 386 11.34 29.05 17.37
N GLU B 387 10.90 27.80 17.31
CA GLU B 387 11.60 26.72 16.62
C GLU B 387 10.67 26.12 15.58
N ALA B 388 11.20 25.84 14.39
CA ALA B 388 10.41 25.36 13.27
C ALA B 388 11.07 24.12 12.68
N ASN B 389 10.39 22.97 12.81
CA ASN B 389 10.79 21.72 12.16
C ASN B 389 9.56 21.20 11.44
N PRO B 390 9.26 21.75 10.27
CA PRO B 390 7.99 21.43 9.59
C PRO B 390 8.06 20.10 8.89
N PRO B 391 6.92 19.47 8.61
CA PRO B 391 6.92 18.26 7.78
C PRO B 391 7.40 18.58 6.38
N PHE B 392 7.95 17.58 5.70
CA PHE B 392 8.46 17.81 4.35
C PHE B 392 7.29 17.96 3.41
N CYS B 393 6.95 19.20 3.10
CA CYS B 393 5.88 19.51 2.15
C CYS B 393 6.19 20.88 1.57
N GLU B 394 6.61 20.89 0.29
CA GLU B 394 7.12 22.11 -0.32
C GLU B 394 6.09 23.23 -0.27
N GLU B 395 4.81 22.90 -0.50
CA GLU B 395 3.76 23.92 -0.45
C GLU B 395 3.64 24.51 0.96
N LEU B 396 3.69 23.65 1.98
CA LEU B 396 3.61 24.15 3.35
C LEU B 396 4.88 24.86 3.76
N MET B 397 6.04 24.32 3.36
CA MET B 397 7.31 24.96 3.68
C MET B 397 7.41 26.34 3.04
N ASP B 398 7.02 26.45 1.77
CA ASP B 398 7.07 27.75 1.10
C ASP B 398 6.11 28.74 1.74
N ALA B 399 4.88 28.29 2.04
CA ALA B 399 3.94 29.16 2.75
C ALA B 399 4.46 29.52 4.13
N MET B 400 5.20 28.62 4.77
CA MET B 400 5.77 28.92 6.08
C MET B 400 6.79 30.05 6.00
N VAL B 401 7.65 30.04 4.97
CA VAL B 401 8.67 31.06 4.84
C VAL B 401 8.04 32.44 4.68
N SER B 402 7.09 32.55 3.75
CA SER B 402 6.42 33.83 3.54
C SER B 402 5.56 34.22 4.74
N HIS B 403 5.07 33.23 5.48
CA HIS B 403 4.33 33.54 6.71
C HIS B 403 5.25 34.13 7.77
N PHE B 404 6.42 33.51 7.96
CA PHE B 404 7.37 34.04 8.93
C PHE B 404 7.89 35.41 8.51
N GLU B 405 8.15 35.58 7.21
CA GLU B 405 8.70 36.85 6.74
C GLU B 405 7.70 37.99 6.92
N ARG B 406 6.41 37.72 6.72
CA ARG B 406 5.39 38.73 7.02
C ARG B 406 5.40 39.08 8.50
N LEU B 407 5.57 38.08 9.37
CA LEU B 407 5.58 38.34 10.81
C LEU B 407 6.81 39.15 11.22
N LEU B 408 7.94 38.93 10.56
CA LEU B 408 9.15 39.67 10.89
C LEU B 408 9.11 41.09 10.32
N GLU B 409 8.45 41.29 9.17
CA GLU B 409 8.33 42.62 8.60
C GLU B 409 7.54 43.55 9.51
N SER B 410 6.43 43.06 10.06
CA SER B 410 5.40 43.91 10.64
C SER B 410 5.39 43.90 12.17
N SER B 411 6.56 43.72 12.79
CA SER B 411 6.57 43.73 14.25
C SER B 411 7.84 44.39 14.79
N PRO B 412 7.69 45.41 15.64
CA PRO B 412 8.86 46.02 16.28
C PRO B 412 9.33 45.29 17.52
N GLU B 413 8.62 44.26 17.97
CA GLU B 413 8.94 43.46 19.14
C GLU B 413 9.91 42.34 18.77
N PRO B 414 10.73 41.89 19.72
CA PRO B 414 11.72 40.85 19.40
C PRO B 414 11.05 39.57 18.92
N LEU B 415 11.45 39.13 17.72
CA LEU B 415 10.86 37.96 17.08
C LEU B 415 11.98 37.14 16.46
N SER B 416 11.95 35.82 16.68
CA SER B 416 13.01 34.94 16.20
C SER B 416 12.43 33.60 15.81
N PHE B 417 12.88 33.07 14.66
CA PHE B 417 12.48 31.76 14.17
C PHE B 417 13.73 30.97 13.81
N ILE B 418 13.95 29.86 14.50
CA ILE B 418 15.04 28.93 14.18
C ILE B 418 14.41 27.74 13.45
N VAL B 419 14.75 27.58 12.18
CA VAL B 419 14.08 26.64 11.29
C VAL B 419 15.04 25.50 10.95
N PHE B 420 14.56 24.27 11.11
CA PHE B 420 15.32 23.06 10.81
C PHE B 420 14.74 22.44 9.55
N ILE B 421 15.48 22.50 8.45
CA ILE B 421 15.05 21.89 7.20
C ILE B 421 16.18 21.05 6.64
N PRO B 422 15.92 19.80 6.26
CA PRO B 422 16.98 18.95 5.71
C PRO B 422 17.24 19.25 4.24
N GLU B 423 18.51 19.11 3.85
CA GLU B 423 18.91 19.22 2.45
C GLU B 423 18.74 17.84 1.81
N TRP B 424 17.46 17.47 1.62
CA TRP B 424 17.13 16.14 1.12
C TRP B 424 17.39 16.00 -0.37
N ARG B 425 17.18 17.06 -1.15
CA ARG B 425 17.30 17.03 -2.59
C ARG B 425 18.51 17.81 -3.04
N GLU B 426 19.24 17.27 -4.01
CA GLU B 426 20.32 18.04 -4.63
C GLU B 426 19.80 19.34 -5.25
N PRO B 427 18.66 19.38 -5.93
CA PRO B 427 18.01 20.67 -6.19
C PRO B 427 17.17 21.08 -4.99
N PRO B 428 17.61 22.08 -4.23
CA PRO B 428 16.89 22.43 -3.00
C PRO B 428 15.52 23.02 -3.29
N THR B 429 14.58 22.74 -2.38
CA THR B 429 13.24 23.28 -2.51
C THR B 429 13.28 24.80 -2.41
N PRO B 430 12.35 25.49 -3.07
CA PRO B 430 12.35 26.97 -3.01
C PRO B 430 12.21 27.52 -1.60
N ALA B 431 11.65 26.75 -0.67
CA ALA B 431 11.53 27.22 0.71
C ALA B 431 12.91 27.41 1.33
N LEU B 432 13.83 26.46 1.12
CA LEU B 432 15.16 26.59 1.66
C LEU B 432 15.94 27.70 0.97
N THR B 433 15.78 27.82 -0.35
CA THR B 433 16.50 28.87 -1.09
C THR B 433 16.03 30.26 -0.66
N ARG B 434 14.72 30.41 -0.42
CA ARG B 434 14.19 31.72 -0.02
C ARG B 434 14.72 32.14 1.35
N MET B 435 14.85 31.20 2.28
CA MET B 435 15.36 31.54 3.60
C MET B 435 16.83 31.92 3.55
N GLU B 436 17.58 31.39 2.57
CA GLU B 436 18.99 31.78 2.43
C GLU B 436 19.11 33.22 1.95
N GLN B 437 18.25 33.63 1.01
CA GLN B 437 18.23 35.01 0.54
C GLN B 437 17.38 35.93 1.42
N SER B 438 16.90 35.44 2.55
CA SER B 438 16.06 36.26 3.42
C SER B 438 16.91 37.34 4.09
N ARG B 439 16.39 38.56 4.13
CA ARG B 439 17.07 39.65 4.80
C ARG B 439 17.05 39.49 6.32
N PHE B 440 16.20 38.62 6.85
CA PHE B 440 16.14 38.35 8.28
C PHE B 440 17.07 37.22 8.70
N LYS B 441 17.67 36.51 7.74
CA LYS B 441 18.60 35.44 8.09
C LYS B 441 19.84 36.02 8.75
N ARG B 442 20.09 35.60 9.99
CA ARG B 442 21.24 36.08 10.74
C ARG B 442 22.39 35.08 10.78
N HIS B 443 22.11 33.79 10.63
CA HIS B 443 23.14 32.77 10.57
C HIS B 443 22.54 31.50 9.97
N GLN B 444 23.33 30.83 9.14
CA GLN B 444 22.94 29.56 8.55
C GLN B 444 23.92 28.49 9.02
N LEU B 445 23.41 27.46 9.69
CA LEU B 445 24.21 26.38 10.23
C LEU B 445 23.83 25.07 9.56
N ILE B 446 24.82 24.22 9.31
CA ILE B 446 24.61 22.94 8.64
C ILE B 446 24.97 21.83 9.60
N LEU B 447 24.00 20.94 9.85
CA LEU B 447 24.25 19.76 10.66
C LEU B 447 24.68 18.62 9.75
N PRO B 448 25.90 18.09 9.91
CA PRO B 448 26.41 17.10 8.96
C PRO B 448 25.60 15.81 9.00
N ALA B 449 25.48 15.20 7.82
CA ALA B 449 24.81 13.90 7.72
C ALA B 449 25.57 12.85 8.51
N PHE B 450 24.83 11.90 9.07
CA PHE B 450 25.33 10.82 9.92
C PHE B 450 25.98 11.34 11.20
N GLU B 451 25.87 12.63 11.50
CA GLU B 451 26.52 13.21 12.66
C GLU B 451 25.56 13.97 13.57
N HIS B 452 24.25 13.79 13.40
CA HIS B 452 23.28 14.33 14.35
C HIS B 452 22.06 13.42 14.35
N GLU B 453 21.26 13.53 15.41
CA GLU B 453 20.17 12.60 15.67
C GLU B 453 18.82 13.29 15.59
N TYR B 454 17.79 12.44 15.44
CA TYR B 454 16.40 12.84 15.59
C TYR B 454 15.70 11.80 16.47
N ARG B 455 14.57 12.19 17.03
CA ARG B 455 13.75 11.26 17.79
C ARG B 455 12.68 10.66 16.88
N SER B 456 12.24 9.45 17.22
CA SER B 456 11.34 8.71 16.35
C SER B 456 10.02 9.44 16.18
N GLY B 457 9.47 9.36 14.96
CA GLY B 457 8.16 9.94 14.69
C GLY B 457 7.04 9.24 15.41
N SER B 458 7.25 7.99 15.84
CA SER B 458 6.27 7.25 16.63
C SER B 458 6.78 7.10 18.06
N GLN B 459 7.23 8.22 18.66
CA GLN B 459 7.86 8.17 19.97
C GLN B 459 6.87 7.91 21.09
N HIS B 460 5.57 8.09 20.83
CA HIS B 460 4.55 7.96 21.87
C HIS B 460 4.15 6.51 22.15
N ILE B 461 4.77 5.54 21.51
CA ILE B 461 4.39 4.14 21.71
C ILE B 461 5.62 3.25 21.60
N CYS B 462 6.66 3.72 20.92
CA CYS B 462 7.85 2.91 20.72
C CYS B 462 8.68 2.85 22.01
N LYS B 463 9.57 1.87 22.07
CA LYS B 463 10.41 1.66 23.24
C LYS B 463 11.54 2.68 23.28
N LYS B 464 12.24 2.72 24.42
CA LYS B 464 13.33 3.67 24.60
C LYS B 464 14.51 3.36 23.70
N GLU B 465 14.70 2.08 23.35
CA GLU B 465 15.78 1.68 22.46
C GLU B 465 15.51 2.06 21.00
N GLU B 466 14.27 2.39 20.66
CA GLU B 466 13.89 2.76 19.29
C GLU B 466 13.61 4.24 19.15
N MET B 467 14.06 5.06 20.11
CA MET B 467 13.71 6.48 20.11
C MET B 467 14.50 7.27 19.08
N HIS B 468 15.81 7.11 19.04
CA HIS B 468 16.68 7.98 18.27
C HIS B 468 17.23 7.28 17.04
N TYR B 469 17.45 8.07 15.99
CA TYR B 469 18.07 7.59 14.77
C TYR B 469 19.01 8.66 14.23
N LYS B 470 20.11 8.24 13.64
CA LYS B 470 21.04 9.17 13.03
C LYS B 470 20.43 9.76 11.77
N ALA B 471 20.46 11.09 11.66
CA ALA B 471 19.99 11.75 10.46
C ALA B 471 20.90 11.40 9.29
N VAL B 472 20.32 10.76 8.27
CA VAL B 472 21.11 10.27 7.14
C VAL B 472 21.43 11.37 6.14
N HIS B 473 20.88 12.57 6.32
CA HIS B 473 21.12 13.68 5.41
C HIS B 473 21.46 14.92 6.22
N ASN B 474 21.99 15.93 5.53
CA ASN B 474 22.28 17.20 6.17
C ASN B 474 21.00 17.90 6.59
N THR B 475 21.13 18.76 7.59
CA THR B 475 20.01 19.57 8.07
C THR B 475 20.45 21.02 8.14
N ALA B 476 19.71 21.89 7.46
CA ALA B 476 20.01 23.31 7.44
C ALA B 476 19.27 24.00 8.58
N VAL B 477 20.01 24.67 9.46
CA VAL B 477 19.46 25.41 10.58
C VAL B 477 19.64 26.90 10.28
N LEU B 478 18.54 27.61 10.13
CA LEU B 478 18.57 29.02 9.77
C LEU B 478 17.97 29.85 10.89
N PHE B 479 18.60 30.99 11.18
CA PHE B 479 18.19 31.91 12.23
C PHE B 479 17.52 33.11 11.58
N LEU B 480 16.19 33.11 11.54
CA LEU B 480 15.42 34.20 10.97
C LEU B 480 14.95 35.11 12.11
N GLN B 481 15.55 36.30 12.20
CA GLN B 481 15.30 37.21 13.30
C GLN B 481 15.15 38.63 12.77
N ASN B 482 14.24 39.39 13.37
CA ASN B 482 14.18 40.81 13.09
C ASN B 482 15.22 41.54 13.95
N ASP B 483 15.31 42.86 13.78
CA ASP B 483 16.34 43.62 14.49
C ASP B 483 16.18 43.55 16.01
N PRO B 484 15.00 43.74 16.60
CA PRO B 484 14.90 43.54 18.05
C PRO B 484 15.12 42.10 18.47
N GLY B 485 14.65 41.14 17.68
CA GLY B 485 14.90 39.75 17.99
C GLY B 485 16.36 39.35 17.86
N PHE B 486 17.08 39.98 16.93
CA PHE B 486 18.50 39.72 16.81
C PHE B 486 19.28 40.35 17.96
N ALA B 487 18.78 41.46 18.51
CA ALA B 487 19.47 42.11 19.61
C ALA B 487 19.36 41.31 20.91
N LYS B 488 18.36 40.44 21.02
CA LYS B 488 18.10 39.71 22.26
C LYS B 488 18.56 38.25 22.21
N TRP B 489 18.44 37.60 21.06
CA TRP B 489 18.80 36.19 20.90
C TRP B 489 19.76 36.01 19.74
N ALA B 490 20.81 36.83 19.69
CA ALA B 490 21.72 36.82 18.56
C ALA B 490 22.46 35.48 18.47
N PRO B 491 22.71 34.96 17.27
CA PRO B 491 23.55 33.76 17.11
C PRO B 491 25.03 34.09 17.24
N THR B 492 25.43 34.48 18.46
CA THR B 492 26.82 34.81 18.71
C THR B 492 27.70 33.57 18.59
N PRO B 493 29.00 33.75 18.33
CA PRO B 493 29.89 32.58 18.26
C PRO B 493 29.90 31.74 19.53
N GLU B 494 29.79 32.37 20.69
CA GLU B 494 29.76 31.61 21.94
C GLU B 494 28.45 30.86 22.10
N ARG B 495 27.34 31.44 21.65
CA ARG B 495 26.07 30.74 21.70
C ARG B 495 26.02 29.63 20.67
N LEU B 496 26.51 29.89 19.45
CA LEU B 496 26.61 28.84 18.44
C LEU B 496 27.57 27.74 18.87
N GLN B 497 28.51 28.05 19.76
CA GLN B 497 29.44 27.04 20.25
C GLN B 497 28.71 26.00 21.10
N GLU B 498 27.91 26.45 22.07
CA GLU B 498 27.19 25.53 22.93
C GLU B 498 26.07 24.81 22.20
N LEU B 499 25.56 25.39 21.12
CA LEU B 499 24.50 24.73 20.36
C LEU B 499 25.04 23.49 19.64
N SER B 500 26.17 23.63 18.96
CA SER B 500 26.80 22.47 18.34
C SER B 500 27.33 21.50 19.38
N ALA B 501 27.66 21.99 20.58
CA ALA B 501 28.14 21.12 21.64
C ALA B 501 27.05 20.16 22.11
N ALA B 502 25.79 20.60 22.10
CA ALA B 502 24.68 19.74 22.51
C ALA B 502 24.30 18.73 21.44
N TYR B 503 24.87 18.83 20.24
CA TYR B 503 24.60 17.88 19.18
C TYR B 503 25.59 16.72 19.13
N ARG B 504 26.53 16.66 20.08
CA ARG B 504 27.44 15.53 20.16
C ARG B 504 26.68 14.27 20.55
N SAH C . -5.69 -19.01 -18.08
CA SAH C . -4.57 -18.23 -18.57
CB SAH C . -4.05 -17.30 -17.49
CG SAH C . -3.55 -17.97 -16.21
SD SAH C . -3.28 -16.75 -14.90
C SAH C . -3.46 -19.15 -19.08
O SAH C . -2.54 -18.71 -19.77
OXT SAH C . -3.46 -20.35 -18.83
C5' SAH C . -3.47 -18.00 -13.61
C4' SAH C . -4.92 -18.17 -13.17
O4' SAH C . -5.04 -19.25 -12.27
C3' SAH C . -5.47 -16.96 -12.43
O3' SAH C . -6.45 -16.34 -13.23
C2' SAH C . -6.12 -17.52 -11.18
O2' SAH C . -7.42 -17.00 -11.02
C1' SAH C . -6.15 -19.01 -11.44
N9 SAH C . -6.09 -19.81 -10.20
C8 SAH C . -5.77 -19.36 -8.95
N7 SAH C . -5.85 -20.39 -8.08
C5 SAH C . -6.24 -21.50 -8.77
C6 SAH C . -6.47 -22.82 -8.38
N6 SAH C . -6.33 -23.18 -7.11
N1 SAH C . -6.86 -23.73 -9.32
C2 SAH C . -7.02 -23.36 -10.64
N3 SAH C . -6.78 -22.05 -11.02
C4 SAH C . -6.40 -21.14 -10.10
N SAH D . 7.75 19.09 17.28
CA SAH D . 8.91 18.36 16.84
CB SAH D . 8.53 17.41 15.71
CG SAH D . 8.05 18.07 14.42
SD SAH D . 7.54 16.83 13.19
C SAH D . 10.02 19.30 16.39
O SAH D . 9.77 20.46 16.06
OXT SAH D . 11.20 18.94 16.35
C5' SAH D . 6.40 18.01 12.40
C4' SAH D . 5.06 18.09 13.12
O4' SAH D . 4.31 19.15 12.56
C3' SAH D . 4.21 16.84 12.98
O3' SAH D . 4.00 16.26 14.24
C2' SAH D . 2.88 17.31 12.43
O2' SAH D . 1.80 16.74 13.13
C1' SAH D . 2.94 18.82 12.67
N9 SAH D . 2.12 19.58 11.71
C8 SAH D . 1.56 19.16 10.54
N7 SAH D . 0.89 20.19 9.99
C5 SAH D . 1.00 21.27 10.79
C6 SAH D . 0.53 22.58 10.71
N6 SAH D . -0.22 22.96 9.68
N1 SAH D . 0.82 23.48 11.71
C2 SAH D . 1.60 23.09 12.79
N3 SAH D . 2.07 21.80 12.86
C4 SAH D . 1.78 20.91 11.88
#